data_4MHO
#
_entry.id   4MHO
#
_cell.length_a   128.910
_cell.length_b   128.910
_cell.length_c   116.890
_cell.angle_alpha   90.00
_cell.angle_beta   90.00
_cell.angle_gamma   90.00
#
_symmetry.space_group_name_H-M   'P 43 21 2'
#
loop_
_entity.id
_entity.type
_entity.pdbx_description
1 polymer 'Glycogen phosphorylase, muscle form'
2 non-polymer N-[(biphenyl-4-yloxy)acetyl]-beta-D-glucopyranosylamine
3 water water
#
_entity_poly.entity_id   1
_entity_poly.type   'polypeptide(L)'
_entity_poly.pdbx_seq_one_letter_code
;QISVRGLAGVENVTELKKNFNRHLHFTLVKDRNVATPRDYYFALAHTVRDHLVGRWIRTQQHYYEKDPKRIYYLSLEFYM
GRTLQNTMVNLALENACDEATYQLGLDMEELEEIEEDAGLGNGGLGRLAACFLDSMATLGLAAYGYGIRYEFGIFNQKIC
GGWQMEEADDWLRYGNPWEKARPEFTLPVHFYGRVEHTSQGAKWVDTQVVLAMPYDTPVPGYRNNVVNTMRLWSAKAPND
FNLKDFNVGGYIQAVLDRNLAENISRVLYPNDNFFEGKELRLKQEYFVVAATLQDIIRRFKSSKFGCRDPVRTNFDAFPD
KVAIQLNDTHPSLAIPELMRVLVDLERLDWDKAWEVTVKTCAYTNHTVLPEALERWPVHLLETLLPRHLQIIYEINQRFL
NRVAAAFPGDVDRLRRMSLVEEGAVKRINMAHLCIAGSHAVNGVARIHSEILKKTIFKDFYELEPHKFQNKTNGITPRRW
LVLCNPGLAEIIAERIGEEYISDLDQLRKLLSYVDDEAFIRDVAKVKQENKLKFAAYLEREYKVHINPNSLFDVQVKRIH
EYKRQLLNCLHVITLYNRIKKEPNKFVVPRTVMIGGKAAPGYHMAKMIIKLITAIGDVVNHDPVVGDRLRVIFLENYRVS
LAEKVIPAADLSEQISTAGTEASGTGNM(LLP)FMLNGALTIGTMDGANVEMAEEAGEENFFIFGMRVEDVDRLDQRGYN
AQEYYDRIPELRQIIEQLSSGFFSPKQPDLFKDIVNMLMHHDRFKVFADYEEYVKCQERVSALYKNPREWTRMVIRNIAT
SGKFSSDRTIAQYAREIWGVEPSRQRLPA
;
_entity_poly.pdbx_strand_id   A
#
loop_
_chem_comp.id
_chem_comp.type
_chem_comp.name
_chem_comp.formula
26M saccharide N-[(biphenyl-4-yloxy)acetyl]-beta-D-glucopyranosylamine 'C20 H23 N O7'
#
# COMPACT_ATOMS: atom_id res chain seq x y z
N GLN A 1 -21.65 22.36 -7.71
CA GLN A 1 -21.52 22.99 -6.36
C GLN A 1 -20.13 23.61 -6.17
N ILE A 2 -19.09 22.78 -6.27
CA ILE A 2 -17.71 23.24 -6.14
C ILE A 2 -16.92 23.09 -7.46
N SER A 3 -16.07 24.07 -7.74
CA SER A 3 -15.36 24.20 -9.02
C SER A 3 -14.55 22.98 -9.50
N VAL A 4 -13.77 22.37 -8.60
CA VAL A 4 -12.84 21.29 -9.02
C VAL A 4 -13.57 20.00 -9.45
N ARG A 5 -14.84 19.89 -9.08
CA ARG A 5 -15.66 18.74 -9.48
C ARG A 5 -16.18 18.77 -10.95
N GLY A 6 -15.83 19.84 -11.68
CA GLY A 6 -16.17 19.95 -13.12
C GLY A 6 -17.51 20.60 -13.49
N LEU A 7 -17.77 20.65 -14.79
CA LEU A 7 -18.99 21.28 -15.32
C LEU A 7 -20.21 20.36 -15.30
N ALA A 8 -21.38 20.95 -15.05
CA ALA A 8 -22.63 20.23 -15.21
C ALA A 8 -23.49 20.86 -16.31
N GLY A 9 -23.11 20.62 -17.56
CA GLY A 9 -23.82 21.15 -18.73
C GLY A 9 -25.14 20.45 -19.01
N VAL A 10 -26.12 21.22 -19.51
CA VAL A 10 -27.47 20.72 -19.84
C VAL A 10 -27.43 19.49 -20.76
N GLU A 11 -26.56 19.51 -21.76
CA GLU A 11 -26.42 18.36 -22.67
C GLU A 11 -25.93 17.11 -21.94
N ASN A 12 -24.93 17.30 -21.07
CA ASN A 12 -24.29 16.21 -20.38
C ASN A 12 -25.24 15.58 -19.37
N VAL A 13 -25.89 16.44 -18.59
CA VAL A 13 -26.82 15.99 -17.56
C VAL A 13 -27.97 15.19 -18.19
N THR A 14 -28.53 15.71 -19.28
CA THR A 14 -29.64 15.06 -19.97
C THR A 14 -29.22 13.68 -20.50
N GLU A 15 -28.05 13.60 -21.10
CA GLU A 15 -27.50 12.35 -21.61
C GLU A 15 -27.22 11.30 -20.51
N LEU A 16 -26.58 11.74 -19.41
CA LEU A 16 -26.37 10.87 -18.24
C LEU A 16 -27.69 10.31 -17.67
N LYS A 17 -28.72 11.16 -17.63
CA LYS A 17 -30.03 10.73 -17.12
C LYS A 17 -30.65 9.60 -17.97
N LYS A 18 -30.59 9.73 -19.29
CA LYS A 18 -31.17 8.68 -20.13
C LYS A 18 -30.39 7.37 -20.14
N ASN A 19 -29.06 7.44 -20.13
CA ASN A 19 -28.23 6.25 -20.09
C ASN A 19 -28.36 5.51 -18.77
N PHE A 20 -28.62 6.27 -17.71
CA PHE A 20 -28.91 5.69 -16.40
C PHE A 20 -30.23 4.90 -16.43
N ASN A 21 -31.28 5.49 -17.00
CA ASN A 21 -32.57 4.81 -17.15
C ASN A 21 -32.48 3.62 -18.11
N ARG A 22 -31.67 3.76 -19.15
CA ARG A 22 -31.42 2.64 -20.06
C ARG A 22 -30.76 1.44 -19.35
N HIS A 23 -29.71 1.69 -18.56
CA HIS A 23 -29.05 0.60 -17.84
C HIS A 23 -29.96 -0.04 -16.78
N LEU A 24 -30.77 0.79 -16.11
CA LEU A 24 -31.65 0.28 -15.07
C LEU A 24 -32.64 -0.73 -15.69
N HIS A 25 -33.11 -0.40 -16.89
CA HIS A 25 -34.09 -1.18 -17.61
C HIS A 25 -33.43 -2.38 -18.29
N PHE A 26 -32.51 -2.15 -19.24
CA PHE A 26 -31.95 -3.23 -20.06
C PHE A 26 -30.85 -4.04 -19.37
N THR A 27 -30.02 -3.39 -18.56
CA THR A 27 -28.89 -4.07 -17.91
C THR A 27 -29.32 -4.77 -16.63
N LEU A 28 -30.03 -4.05 -15.78
CA LEU A 28 -30.39 -4.62 -14.49
C LEU A 28 -31.72 -5.35 -14.53
N VAL A 29 -32.53 -5.09 -15.55
CA VAL A 29 -33.89 -5.66 -15.69
C VAL A 29 -34.74 -5.35 -14.45
N LYS A 30 -34.86 -4.07 -14.16
CA LYS A 30 -35.66 -3.55 -13.07
C LYS A 30 -36.42 -2.32 -13.55
N ASP A 31 -37.46 -1.91 -12.82
CA ASP A 31 -38.00 -0.55 -12.99
C ASP A 31 -37.97 0.16 -11.64
N ARG A 32 -38.35 1.43 -11.63
CA ARG A 32 -38.33 2.26 -10.40
C ARG A 32 -39.14 1.71 -9.22
N ASN A 33 -40.05 0.79 -9.48
CA ASN A 33 -40.92 0.24 -8.42
C ASN A 33 -40.24 -0.80 -7.52
N VAL A 34 -39.29 -1.53 -8.09
CA VAL A 34 -38.60 -2.59 -7.36
C VAL A 34 -37.11 -2.34 -7.13
N ALA A 35 -36.57 -1.29 -7.72
CA ALA A 35 -35.14 -0.99 -7.62
C ALA A 35 -34.73 -0.67 -6.17
N THR A 36 -33.64 -1.28 -5.71
CA THR A 36 -33.06 -0.99 -4.41
C THR A 36 -31.92 0.01 -4.59
N PRO A 37 -31.40 0.60 -3.49
CA PRO A 37 -30.23 1.47 -3.68
C PRO A 37 -29.05 0.80 -4.41
N ARG A 38 -28.88 -0.51 -4.24
CA ARG A 38 -27.80 -1.23 -4.94
C ARG A 38 -28.01 -1.22 -6.45
N ASP A 39 -29.26 -1.38 -6.89
CA ASP A 39 -29.58 -1.27 -8.32
C ASP A 39 -29.21 0.09 -8.89
N TYR A 40 -29.45 1.14 -8.10
CA TYR A 40 -29.11 2.50 -8.53
C TYR A 40 -27.60 2.69 -8.64
N TYR A 41 -26.87 2.19 -7.64
CA TYR A 41 -25.42 2.20 -7.72
C TYR A 41 -24.95 1.56 -9.03
N PHE A 42 -25.42 0.35 -9.34
CA PHE A 42 -25.02 -0.35 -10.57
C PHE A 42 -25.39 0.38 -11.86
N ALA A 43 -26.58 0.99 -11.89
CA ALA A 43 -27.01 1.75 -13.06
C ALA A 43 -26.04 2.93 -13.26
N LEU A 44 -25.68 3.59 -12.18
CA LEU A 44 -24.69 4.70 -12.25
C LEU A 44 -23.31 4.20 -12.69
N ALA A 45 -22.84 3.09 -12.09
CA ALA A 45 -21.52 2.53 -12.44
C ALA A 45 -21.41 2.18 -13.91
N HIS A 46 -22.42 1.50 -14.45
CA HIS A 46 -22.42 1.16 -15.88
C HIS A 46 -22.48 2.43 -16.75
N THR A 47 -23.19 3.45 -16.27
CA THR A 47 -23.31 4.71 -17.02
C THR A 47 -21.94 5.39 -17.16
N VAL A 48 -21.21 5.45 -16.04
CA VAL A 48 -19.88 6.06 -16.01
C VAL A 48 -18.87 5.19 -16.77
N ARG A 49 -18.96 3.87 -16.61
CA ARG A 49 -18.07 2.97 -17.32
C ARG A 49 -18.20 3.14 -18.83
N ASP A 50 -19.42 3.39 -19.31
CA ASP A 50 -19.62 3.65 -20.74
C ASP A 50 -18.74 4.79 -21.28
N HIS A 51 -18.44 5.78 -20.44
CA HIS A 51 -17.58 6.90 -20.85
C HIS A 51 -16.11 6.56 -20.99
N LEU A 52 -15.71 5.46 -20.36
CA LEU A 52 -14.33 4.97 -20.41
C LEU A 52 -14.01 4.23 -21.71
N VAL A 53 -15.01 3.55 -22.26
CA VAL A 53 -14.71 2.51 -23.28
C VAL A 53 -14.07 3.06 -24.55
N GLY A 54 -14.58 4.18 -25.06
CA GLY A 54 -14.02 4.76 -26.28
C GLY A 54 -12.57 5.13 -26.10
N ARG A 55 -12.25 5.74 -24.96
CA ARG A 55 -10.89 6.15 -24.65
C ARG A 55 -9.97 4.95 -24.40
N TRP A 56 -10.51 3.91 -23.75
CA TRP A 56 -9.75 2.67 -23.51
C TRP A 56 -9.32 2.03 -24.84
N ILE A 57 -10.27 1.91 -25.77
CA ILE A 57 -9.99 1.34 -27.10
C ILE A 57 -8.97 2.18 -27.88
N ARG A 58 -9.15 3.50 -27.89
CA ARG A 58 -8.22 4.31 -28.67
C ARG A 58 -6.83 4.43 -28.04
N THR A 59 -6.76 4.46 -26.70
CA THR A 59 -5.45 4.42 -26.02
C THR A 59 -4.67 3.17 -26.46
N GLN A 60 -5.30 2.00 -26.35
CA GLN A 60 -4.62 0.76 -26.71
C GLN A 60 -4.28 0.69 -28.21
N GLN A 61 -5.16 1.19 -29.07
CA GLN A 61 -4.86 1.37 -30.50
C GLN A 61 -3.65 2.30 -30.69
N HIS A 62 -3.64 3.43 -29.99
CA HIS A 62 -2.51 4.37 -30.02
C HIS A 62 -1.17 3.67 -29.72
N TYR A 63 -1.09 2.92 -28.62
CA TYR A 63 0.16 2.19 -28.31
C TYR A 63 0.58 1.22 -29.42
N TYR A 64 -0.39 0.58 -30.06
CA TYR A 64 -0.09 -0.31 -31.19
C TYR A 64 0.54 0.44 -32.37
N GLU A 65 -0.04 1.58 -32.75
CA GLU A 65 0.45 2.39 -33.87
C GLU A 65 1.82 2.96 -33.56
N LYS A 66 2.00 3.52 -32.36
CA LYS A 66 3.22 4.23 -32.04
C LYS A 66 4.34 3.35 -31.49
N ASP A 67 3.98 2.16 -31.00
CA ASP A 67 4.94 1.16 -30.51
C ASP A 67 5.97 1.70 -29.49
N PRO A 68 5.50 2.36 -28.40
CA PRO A 68 6.48 2.88 -27.45
C PRO A 68 7.05 1.73 -26.60
N LYS A 69 8.10 2.00 -25.85
CA LYS A 69 8.56 1.02 -24.85
C LYS A 69 7.44 0.81 -23.82
N ARG A 70 7.15 -0.45 -23.48
CA ARG A 70 6.04 -0.76 -22.55
C ARG A 70 6.59 -1.04 -21.16
N ILE A 71 5.87 -0.57 -20.14
CA ILE A 71 6.22 -0.81 -18.74
C ILE A 71 5.28 -1.84 -18.12
N TYR A 72 5.86 -2.90 -17.56
CA TYR A 72 5.09 -3.94 -16.93
C TYR A 72 5.37 -3.93 -15.43
N TYR A 73 4.38 -3.53 -14.65
CA TYR A 73 4.51 -3.47 -13.19
C TYR A 73 3.90 -4.74 -12.59
N LEU A 74 4.76 -5.65 -12.15
CA LEU A 74 4.34 -6.95 -11.60
C LEU A 74 4.23 -6.87 -10.08
N SER A 75 3.02 -7.08 -9.59
CA SER A 75 2.74 -7.04 -8.16
C SER A 75 1.76 -8.15 -7.78
N LEU A 76 1.94 -8.73 -6.59
CA LEU A 76 0.99 -9.69 -6.07
C LEU A 76 -0.15 -8.96 -5.38
N GLU A 77 -0.06 -7.64 -5.30
CA GLU A 77 -1.05 -6.83 -4.60
C GLU A 77 -1.37 -5.56 -5.36
N PHE A 78 -2.67 -5.30 -5.50
CA PHE A 78 -3.18 -4.01 -6.00
C PHE A 78 -4.32 -3.57 -5.10
N TYR A 79 -4.00 -2.71 -4.15
CA TYR A 79 -4.96 -2.29 -3.14
C TYR A 79 -5.75 -1.09 -3.68
N MET A 80 -6.78 -1.36 -4.48
CA MET A 80 -7.42 -0.35 -5.34
C MET A 80 -8.46 0.49 -4.63
N GLY A 81 -9.17 -0.08 -3.64
CA GLY A 81 -10.30 0.60 -3.01
C GLY A 81 -11.50 0.67 -3.95
N ARG A 82 -12.36 1.67 -3.78
CA ARG A 82 -13.49 1.89 -4.70
C ARG A 82 -13.09 2.59 -5.98
N THR A 83 -13.84 2.34 -7.04
CA THR A 83 -13.51 2.82 -8.40
C THR A 83 -14.43 3.93 -8.94
N LEU A 84 -15.69 3.97 -8.52
CA LEU A 84 -16.68 4.90 -9.11
C LEU A 84 -16.30 6.39 -9.01
N GLN A 85 -16.06 6.85 -7.78
CA GLN A 85 -15.73 8.26 -7.61
C GLN A 85 -14.39 8.61 -8.27
N ASN A 86 -13.40 7.73 -8.16
CA ASN A 86 -12.11 7.96 -8.84
C ASN A 86 -12.24 8.13 -10.35
N THR A 87 -13.12 7.34 -10.97
CA THR A 87 -13.35 7.42 -12.41
C THR A 87 -14.01 8.75 -12.80
N MET A 88 -15.00 9.17 -12.01
CA MET A 88 -15.65 10.46 -12.24
C MET A 88 -14.66 11.62 -12.14
N VAL A 89 -13.86 11.60 -11.07
CA VAL A 89 -12.83 12.62 -10.87
C VAL A 89 -11.95 12.75 -12.11
N ASN A 90 -11.43 11.63 -12.60
CA ASN A 90 -10.44 11.61 -13.66
C ASN A 90 -11.03 11.91 -15.04
N LEU A 91 -12.35 11.76 -15.16
CA LEU A 91 -13.05 12.05 -16.41
C LEU A 91 -13.82 13.39 -16.35
N ALA A 92 -13.69 14.11 -15.24
CA ALA A 92 -14.34 15.41 -15.03
C ALA A 92 -15.88 15.33 -15.07
N LEU A 93 -16.40 14.20 -14.57
CA LEU A 93 -17.83 13.89 -14.63
C LEU A 93 -18.53 14.07 -13.29
N GLU A 94 -17.79 14.41 -12.25
CA GLU A 94 -18.36 14.40 -10.91
C GLU A 94 -19.61 15.29 -10.68
N ASN A 95 -19.53 16.55 -11.10
CA ASN A 95 -20.67 17.47 -10.90
C ASN A 95 -21.88 17.09 -11.74
N ALA A 96 -21.59 16.62 -12.95
CA ALA A 96 -22.64 16.20 -13.89
C ALA A 96 -23.43 14.98 -13.35
N CYS A 97 -22.71 13.97 -12.85
CA CYS A 97 -23.38 12.82 -12.24
C CYS A 97 -24.15 13.23 -11.01
N ASP A 98 -23.56 14.10 -10.19
CA ASP A 98 -24.24 14.61 -9.01
C ASP A 98 -25.57 15.27 -9.37
N GLU A 99 -25.54 16.15 -10.36
CA GLU A 99 -26.74 16.86 -10.83
C GLU A 99 -27.75 15.87 -11.40
N ALA A 100 -27.31 15.06 -12.37
CA ALA A 100 -28.15 14.03 -13.01
C ALA A 100 -28.86 13.12 -12.02
N THR A 101 -28.13 12.62 -11.01
CA THR A 101 -28.71 11.75 -9.97
C THR A 101 -29.66 12.54 -9.05
N TYR A 102 -29.24 13.73 -8.65
CA TYR A 102 -30.11 14.64 -7.90
C TYR A 102 -31.47 14.84 -8.61
N GLN A 103 -31.44 15.13 -9.91
CA GLN A 103 -32.68 15.28 -10.69
C GLN A 103 -33.54 14.01 -10.75
N LEU A 104 -32.90 12.85 -10.71
CA LEU A 104 -33.59 11.56 -10.65
C LEU A 104 -34.06 11.23 -9.23
N GLY A 105 -33.85 12.16 -8.30
CA GLY A 105 -34.29 11.97 -6.92
C GLY A 105 -33.35 11.10 -6.09
N LEU A 106 -32.09 11.05 -6.47
CA LEU A 106 -31.12 10.17 -5.77
C LEU A 106 -29.97 10.98 -5.17
N ASP A 107 -29.41 10.48 -4.07
CA ASP A 107 -28.21 11.04 -3.45
C ASP A 107 -26.99 10.22 -3.89
N MET A 108 -26.14 10.84 -4.71
CA MET A 108 -24.94 10.19 -5.21
C MET A 108 -23.98 9.67 -4.12
N GLU A 109 -23.79 10.42 -3.05
CA GLU A 109 -22.91 10.01 -1.95
C GLU A 109 -23.33 8.68 -1.34
N GLU A 110 -24.66 8.51 -1.24
CA GLU A 110 -25.26 7.32 -0.66
C GLU A 110 -25.01 6.11 -1.58
N LEU A 111 -25.18 6.34 -2.88
CA LEU A 111 -24.89 5.33 -3.90
C LEU A 111 -23.40 4.94 -3.88
N GLU A 112 -22.53 5.92 -3.62
CA GLU A 112 -21.08 5.66 -3.56
C GLU A 112 -20.68 4.70 -2.42
N GLU A 113 -21.38 4.79 -1.30
CA GLU A 113 -21.13 3.92 -0.13
C GLU A 113 -21.50 2.46 -0.36
N ILE A 114 -22.20 2.18 -1.45
CA ILE A 114 -22.61 0.81 -1.79
C ILE A 114 -21.49 -0.02 -2.40
N GLU A 115 -20.55 0.64 -3.08
CA GLU A 115 -19.46 -0.06 -3.78
C GLU A 115 -18.50 -0.75 -2.77
N GLU A 116 -18.18 -2.02 -3.03
CA GLU A 116 -17.15 -2.75 -2.26
C GLU A 116 -15.77 -2.21 -2.62
N ASP A 117 -14.89 -2.07 -1.63
CA ASP A 117 -13.46 -1.93 -1.94
C ASP A 117 -12.95 -3.16 -2.68
N ALA A 118 -12.13 -2.92 -3.70
CA ALA A 118 -11.25 -3.95 -4.22
C ALA A 118 -10.06 -4.01 -3.26
N GLY A 119 -10.13 -4.90 -2.27
CA GLY A 119 -9.11 -5.00 -1.23
C GLY A 119 -8.02 -6.00 -1.54
N LEU A 120 -7.38 -5.85 -2.69
CA LEU A 120 -6.43 -6.85 -3.15
C LEU A 120 -4.99 -6.57 -2.67
N GLY A 121 -4.86 -6.21 -1.39
CA GLY A 121 -3.55 -5.95 -0.82
C GLY A 121 -3.64 -5.87 0.69
N ASN A 122 -2.48 -5.89 1.34
CA ASN A 122 -2.39 -5.79 2.79
C ASN A 122 -2.30 -4.36 3.37
N GLY A 123 -1.47 -3.52 2.76
CA GLY A 123 -1.20 -2.19 3.33
C GLY A 123 -0.41 -1.39 2.33
N GLY A 124 0.75 -0.88 2.76
CA GLY A 124 1.53 0.10 1.99
C GLY A 124 2.04 -0.34 0.62
N LEU A 125 2.56 -1.56 0.53
CA LEU A 125 3.11 -2.05 -0.75
C LEU A 125 2.00 -2.21 -1.81
N GLY A 126 0.84 -2.71 -1.37
CA GLY A 126 -0.32 -2.88 -2.27
C GLY A 126 -0.92 -1.54 -2.69
N ARG A 127 -1.02 -0.61 -1.75
CA ARG A 127 -1.54 0.71 -2.08
C ARG A 127 -0.56 1.50 -2.96
N LEU A 128 0.75 1.27 -2.79
CA LEU A 128 1.75 1.92 -3.67
C LEU A 128 1.54 1.54 -5.14
N ALA A 129 1.31 0.25 -5.39
CA ALA A 129 1.03 -0.24 -6.72
C ALA A 129 -0.19 0.53 -7.31
N ALA A 130 -1.24 0.73 -6.51
CA ALA A 130 -2.47 1.40 -6.96
C ALA A 130 -2.25 2.90 -7.30
N CYS A 131 -1.54 3.63 -6.42
CA CYS A 131 -1.11 5.01 -6.69
C CYS A 131 -0.24 5.10 -7.94
N PHE A 132 0.67 4.15 -8.10
CA PHE A 132 1.56 4.09 -9.25
C PHE A 132 0.81 3.94 -10.56
N LEU A 133 -0.19 3.04 -10.61
CA LEU A 133 -1.01 2.91 -11.83
C LEU A 133 -1.69 4.24 -12.20
N ASP A 134 -2.25 4.93 -11.22
CA ASP A 134 -2.87 6.22 -11.44
C ASP A 134 -1.87 7.23 -12.03
N SER A 135 -0.67 7.33 -11.44
CA SER A 135 0.37 8.23 -11.94
C SER A 135 0.90 7.87 -13.33
N MET A 136 1.01 6.58 -13.63
CA MET A 136 1.50 6.16 -14.95
C MET A 136 0.54 6.56 -16.07
N ALA A 137 -0.76 6.44 -15.80
CA ALA A 137 -1.78 6.84 -16.75
C ALA A 137 -1.84 8.36 -16.89
N THR A 138 -1.70 9.08 -15.77
CA THR A 138 -1.68 10.53 -15.78
C THR A 138 -0.43 11.07 -16.49
N LEU A 139 0.66 10.32 -16.46
CA LEU A 139 1.88 10.74 -17.13
C LEU A 139 2.06 10.15 -18.53
N GLY A 140 1.02 9.51 -19.06
CA GLY A 140 1.00 9.06 -20.45
C GLY A 140 1.96 7.94 -20.78
N LEU A 141 2.28 7.08 -19.81
CA LEU A 141 3.17 5.95 -20.05
C LEU A 141 2.38 4.75 -20.54
N ALA A 142 2.94 4.00 -21.48
CA ALA A 142 2.32 2.76 -21.95
C ALA A 142 2.52 1.66 -20.88
N ALA A 143 1.73 1.70 -19.82
CA ALA A 143 1.99 0.87 -18.64
C ALA A 143 0.87 -0.10 -18.38
N TYR A 144 1.24 -1.29 -17.90
CA TYR A 144 0.32 -2.35 -17.59
C TYR A 144 0.58 -2.87 -16.18
N GLY A 145 -0.45 -2.89 -15.35
CA GLY A 145 -0.34 -3.58 -14.08
C GLY A 145 -0.70 -5.03 -14.28
N TYR A 146 0.08 -5.95 -13.71
CA TYR A 146 -0.20 -7.39 -13.79
C TYR A 146 -0.18 -7.99 -12.42
N GLY A 147 -1.23 -8.75 -12.10
CA GLY A 147 -1.41 -9.33 -10.78
C GLY A 147 -2.37 -10.50 -10.81
N ILE A 148 -2.92 -10.83 -9.64
CA ILE A 148 -3.84 -11.95 -9.48
C ILE A 148 -5.20 -11.41 -9.11
N ARG A 149 -6.24 -11.94 -9.76
CA ARG A 149 -7.64 -11.65 -9.38
C ARG A 149 -8.06 -12.54 -8.20
N TYR A 150 -7.76 -12.11 -6.98
CA TYR A 150 -8.18 -12.93 -5.84
C TYR A 150 -9.70 -12.91 -5.70
N GLU A 151 -10.30 -14.07 -5.46
CA GLU A 151 -11.71 -14.17 -5.16
C GLU A 151 -12.04 -13.54 -3.78
N PHE A 152 -11.11 -13.67 -2.85
CA PHE A 152 -11.25 -13.11 -1.51
C PHE A 152 -10.02 -12.24 -1.22
N GLY A 153 -10.25 -10.94 -1.02
CA GLY A 153 -9.16 -10.00 -0.70
C GLY A 153 -8.82 -10.04 0.78
N ILE A 154 -8.26 -8.94 1.29
CA ILE A 154 -7.92 -8.86 2.72
C ILE A 154 -9.23 -9.05 3.53
N PHE A 155 -9.18 -9.87 4.58
CA PHE A 155 -10.33 -10.17 5.41
C PHE A 155 -11.02 -8.92 6.01
N ASN A 156 -12.34 -9.00 6.14
CA ASN A 156 -13.05 -8.02 6.93
C ASN A 156 -12.80 -8.28 8.42
N GLN A 157 -12.44 -7.21 9.12
CA GLN A 157 -12.15 -7.31 10.55
C GLN A 157 -13.37 -6.92 11.39
N LYS A 158 -13.80 -7.82 12.25
CA LYS A 158 -14.84 -7.52 13.24
C LYS A 158 -14.16 -7.60 14.60
N ILE A 159 -14.56 -6.72 15.51
CA ILE A 159 -14.11 -6.77 16.89
C ILE A 159 -15.22 -7.35 17.78
N CYS A 160 -14.92 -8.47 18.43
CA CYS A 160 -15.86 -9.17 19.31
C CYS A 160 -15.24 -9.36 20.69
N GLY A 161 -15.83 -8.73 21.70
CA GLY A 161 -15.29 -8.76 23.07
C GLY A 161 -13.89 -8.18 23.15
N GLY A 162 -13.62 -7.17 22.32
CA GLY A 162 -12.29 -6.58 22.27
C GLY A 162 -11.28 -7.28 21.36
N TRP A 163 -11.65 -8.44 20.82
CA TRP A 163 -10.78 -9.25 19.97
C TRP A 163 -11.07 -9.15 18.47
N GLN A 164 -10.01 -9.15 17.66
CA GLN A 164 -10.18 -9.27 16.20
C GLN A 164 -10.77 -10.63 15.84
N MET A 165 -11.77 -10.61 14.98
CA MET A 165 -12.27 -11.81 14.30
C MET A 165 -12.15 -11.52 12.80
N GLU A 166 -11.85 -12.56 12.03
CA GLU A 166 -11.66 -12.39 10.59
C GLU A 166 -12.84 -12.98 9.85
N GLU A 167 -13.46 -12.22 8.94
CA GLU A 167 -14.35 -12.87 7.98
C GLU A 167 -14.00 -12.64 6.53
N ALA A 168 -14.36 -13.62 5.70
CA ALA A 168 -14.05 -13.61 4.27
C ALA A 168 -14.56 -12.34 3.59
N ASP A 169 -13.69 -11.71 2.81
CA ASP A 169 -14.04 -10.52 2.03
C ASP A 169 -14.57 -10.97 0.67
N ASP A 170 -15.88 -11.19 0.60
CA ASP A 170 -16.50 -11.76 -0.58
C ASP A 170 -16.89 -10.62 -1.51
N TRP A 171 -15.88 -9.93 -2.03
CA TRP A 171 -16.08 -8.65 -2.70
C TRP A 171 -16.75 -8.80 -4.06
N LEU A 172 -16.73 -10.01 -4.62
CA LEU A 172 -17.34 -10.25 -5.93
C LEU A 172 -18.81 -10.71 -5.91
N ARG A 173 -19.38 -10.85 -4.72
CA ARG A 173 -20.72 -11.43 -4.54
C ARG A 173 -21.77 -10.85 -5.48
N TYR A 174 -21.83 -9.53 -5.57
CA TYR A 174 -22.79 -8.81 -6.41
C TYR A 174 -22.30 -8.53 -7.81
N GLY A 175 -21.08 -8.97 -8.15
CA GLY A 175 -20.49 -8.69 -9.45
C GLY A 175 -19.60 -7.45 -9.43
N ASN A 176 -18.73 -7.34 -10.42
CA ASN A 176 -17.79 -6.22 -10.51
C ASN A 176 -18.00 -5.55 -11.87
N PRO A 177 -18.61 -4.34 -11.90
CA PRO A 177 -18.91 -3.76 -13.20
C PRO A 177 -17.67 -3.20 -13.93
N TRP A 178 -16.55 -3.08 -13.23
CA TRP A 178 -15.35 -2.45 -13.79
C TRP A 178 -14.50 -3.38 -14.65
N GLU A 179 -14.56 -4.68 -14.38
CA GLU A 179 -13.68 -5.65 -15.05
C GLU A 179 -14.29 -6.19 -16.35
N LYS A 180 -13.44 -6.57 -17.28
CA LYS A 180 -13.88 -7.30 -18.49
C LYS A 180 -13.11 -8.63 -18.61
N ALA A 181 -13.84 -9.74 -18.50
CA ALA A 181 -13.25 -11.07 -18.71
C ALA A 181 -12.74 -11.19 -20.12
N ARG A 182 -11.54 -11.74 -20.27
CA ARG A 182 -10.98 -11.96 -21.58
C ARG A 182 -10.68 -13.45 -21.77
N PRO A 183 -11.73 -14.30 -21.76
CA PRO A 183 -11.49 -15.75 -21.81
C PRO A 183 -10.72 -16.22 -23.04
N GLU A 184 -10.71 -15.40 -24.10
CA GLU A 184 -10.00 -15.70 -25.33
C GLU A 184 -8.48 -15.57 -25.23
N PHE A 185 -8.00 -14.82 -24.24
CA PHE A 185 -6.56 -14.63 -24.04
C PHE A 185 -5.98 -15.60 -22.99
N THR A 186 -6.71 -16.67 -22.69
CA THR A 186 -6.30 -17.68 -21.69
C THR A 186 -4.99 -18.37 -22.08
N LEU A 187 -4.16 -18.62 -21.06
CA LEU A 187 -2.78 -19.10 -21.24
C LEU A 187 -2.49 -20.26 -20.26
N PRO A 188 -1.70 -21.26 -20.69
CA PRO A 188 -1.37 -22.37 -19.79
C PRO A 188 -0.19 -22.06 -18.87
N VAL A 189 -0.27 -22.51 -17.62
CA VAL A 189 0.86 -22.40 -16.69
C VAL A 189 1.17 -23.81 -16.20
N HIS A 190 2.45 -24.16 -16.16
CA HIS A 190 2.89 -25.53 -15.82
C HIS A 190 3.45 -25.63 -14.40
N PHE A 191 3.23 -26.79 -13.77
CA PHE A 191 3.75 -27.07 -12.43
C PHE A 191 4.24 -28.52 -12.34
N TYR A 192 5.14 -28.76 -11.39
CA TYR A 192 5.65 -30.13 -11.09
C TYR A 192 6.44 -30.66 -12.27
N GLY A 193 6.20 -31.90 -12.67
CA GLY A 193 6.92 -32.50 -13.79
C GLY A 193 8.38 -32.77 -13.48
N ARG A 194 9.20 -32.89 -14.52
CA ARG A 194 10.60 -33.24 -14.35
C ARG A 194 11.40 -32.71 -15.53
N VAL A 195 12.73 -32.72 -15.39
CA VAL A 195 13.61 -32.20 -16.42
C VAL A 195 14.33 -33.33 -17.17
N GLU A 196 14.19 -33.32 -18.49
CA GLU A 196 14.82 -34.26 -19.40
C GLU A 196 15.92 -33.49 -20.13
N HIS A 197 17.07 -34.14 -20.35
CA HIS A 197 18.12 -33.53 -21.16
C HIS A 197 18.28 -34.25 -22.50
N THR A 198 18.19 -33.49 -23.58
CA THR A 198 18.43 -34.03 -24.91
C THR A 198 19.73 -33.46 -25.49
N SER A 199 19.93 -33.69 -26.80
CA SER A 199 20.99 -33.03 -27.56
C SER A 199 20.64 -31.56 -27.75
N GLN A 200 19.34 -31.30 -27.92
CA GLN A 200 18.80 -29.97 -28.18
C GLN A 200 18.78 -29.04 -26.95
N GLY A 201 19.14 -29.59 -25.80
CA GLY A 201 19.06 -28.87 -24.53
C GLY A 201 18.01 -29.47 -23.61
N ALA A 202 17.68 -28.75 -22.54
CA ALA A 202 16.77 -29.25 -21.52
C ALA A 202 15.28 -29.13 -21.94
N LYS A 203 14.48 -30.07 -21.46
CA LYS A 203 13.03 -30.07 -21.68
C LYS A 203 12.32 -30.33 -20.36
N TRP A 204 11.29 -29.54 -20.09
CA TRP A 204 10.47 -29.71 -18.88
C TRP A 204 9.21 -30.47 -19.29
N VAL A 205 9.05 -31.69 -18.78
CA VAL A 205 8.01 -32.63 -19.25
C VAL A 205 7.17 -33.17 -18.10
N ASP A 206 6.00 -33.73 -18.43
CA ASP A 206 5.09 -34.41 -17.49
C ASP A 206 4.53 -33.45 -16.46
N THR A 207 4.24 -32.23 -16.90
CA THR A 207 3.79 -31.19 -16.00
C THR A 207 2.28 -31.28 -15.85
N GLN A 208 1.78 -30.76 -14.73
CA GLN A 208 0.36 -30.49 -14.60
C GLN A 208 0.14 -29.07 -15.09
N VAL A 209 -1.03 -28.84 -15.67
CA VAL A 209 -1.37 -27.59 -16.31
C VAL A 209 -2.51 -26.90 -15.57
N VAL A 210 -2.32 -25.62 -15.25
CA VAL A 210 -3.41 -24.74 -14.79
C VAL A 210 -3.57 -23.62 -15.83
N LEU A 211 -4.82 -23.28 -16.17
CA LEU A 211 -5.06 -22.17 -17.10
C LEU A 211 -5.13 -20.83 -16.38
N ALA A 212 -4.58 -19.80 -17.02
CA ALA A 212 -4.62 -18.43 -16.52
C ALA A 212 -5.56 -17.62 -17.41
N MET A 213 -6.69 -17.23 -16.85
CA MET A 213 -7.67 -16.40 -17.56
C MET A 213 -7.60 -14.94 -17.14
N PRO A 214 -7.36 -14.02 -18.10
CA PRO A 214 -7.19 -12.61 -17.76
C PRO A 214 -8.49 -11.86 -17.62
N TYR A 215 -8.51 -10.94 -16.65
CA TYR A 215 -9.59 -9.96 -16.49
C TYR A 215 -8.95 -8.56 -16.52
N ASP A 216 -9.44 -7.71 -17.42
CA ASP A 216 -8.90 -6.37 -17.60
C ASP A 216 -9.77 -5.32 -16.92
N THR A 217 -9.13 -4.39 -16.22
CA THR A 217 -9.80 -3.27 -15.57
C THR A 217 -9.16 -1.98 -16.12
N PRO A 218 -10.00 -0.98 -16.50
CA PRO A 218 -9.46 0.27 -17.04
C PRO A 218 -8.84 1.15 -15.95
N VAL A 219 -7.72 1.79 -16.27
CA VAL A 219 -7.04 2.73 -15.36
C VAL A 219 -6.98 4.12 -16.02
N PRO A 220 -7.93 5.02 -15.68
CA PRO A 220 -7.97 6.34 -16.34
C PRO A 220 -6.93 7.34 -15.83
N GLY A 221 -6.26 8.05 -16.75
CA GLY A 221 -5.39 9.16 -16.34
C GLY A 221 -6.22 10.39 -15.98
N TYR A 222 -5.60 11.37 -15.33
CA TYR A 222 -6.33 12.56 -14.90
C TYR A 222 -6.54 13.53 -16.09
N ARG A 223 -7.77 13.61 -16.57
CA ARG A 223 -8.18 14.52 -17.69
C ARG A 223 -7.29 14.60 -18.93
N ASN A 224 -6.68 13.48 -19.28
CA ASN A 224 -5.84 13.44 -20.45
C ASN A 224 -6.33 12.41 -21.50
N ASN A 225 -7.52 11.85 -21.26
CA ASN A 225 -8.10 10.81 -22.12
C ASN A 225 -7.20 9.57 -22.32
N VAL A 226 -6.30 9.34 -21.37
CA VAL A 226 -5.51 8.11 -21.40
C VAL A 226 -6.21 7.10 -20.49
N VAL A 227 -6.38 5.87 -20.99
CA VAL A 227 -6.91 4.76 -20.18
C VAL A 227 -6.04 3.52 -20.39
N ASN A 228 -5.25 3.20 -19.36
CA ASN A 228 -4.35 2.04 -19.34
C ASN A 228 -5.06 0.81 -18.77
N THR A 229 -4.37 -0.32 -18.75
CA THR A 229 -4.97 -1.59 -18.30
C THR A 229 -4.30 -2.18 -17.08
N MET A 230 -5.11 -2.69 -16.17
CA MET A 230 -4.61 -3.57 -15.11
C MET A 230 -5.16 -4.94 -15.48
N ARG A 231 -4.26 -5.89 -15.73
CA ARG A 231 -4.68 -7.24 -16.12
C ARG A 231 -4.46 -8.20 -14.95
N LEU A 232 -5.54 -8.78 -14.43
CA LEU A 232 -5.48 -9.68 -13.29
C LEU A 232 -5.83 -11.11 -13.71
N TRP A 233 -4.95 -12.05 -13.37
CA TRP A 233 -5.11 -13.46 -13.77
C TRP A 233 -5.95 -14.26 -12.78
N SER A 234 -6.82 -15.12 -13.32
CA SER A 234 -7.69 -16.01 -12.56
C SER A 234 -7.40 -17.45 -12.99
N ALA A 235 -7.32 -18.37 -12.02
CA ALA A 235 -6.95 -19.78 -12.28
C ALA A 235 -8.16 -20.63 -12.69
N LYS A 236 -8.02 -21.37 -13.79
CA LYS A 236 -9.07 -22.29 -14.27
C LYS A 236 -8.49 -23.69 -14.57
N ALA A 237 -9.22 -24.74 -14.18
CA ALA A 237 -8.82 -26.12 -14.47
C ALA A 237 -8.92 -26.39 -15.96
N PRO A 238 -7.95 -27.13 -16.54
CA PRO A 238 -8.14 -27.54 -17.94
C PRO A 238 -9.30 -28.55 -18.04
N ASN A 239 -9.84 -28.79 -19.22
CA ASN A 239 -11.10 -29.56 -19.29
C ASN A 239 -11.04 -31.08 -19.12
N ASP A 240 -9.84 -31.66 -19.32
CA ASP A 240 -9.63 -33.08 -19.08
C ASP A 240 -9.07 -33.31 -17.68
N GLY A 250 -13.96 -41.72 -9.27
CA GLY A 250 -15.26 -41.57 -9.90
C GLY A 250 -15.38 -40.29 -10.72
N TYR A 251 -16.33 -40.28 -11.64
CA TYR A 251 -16.61 -39.09 -12.47
C TYR A 251 -16.92 -37.84 -11.63
N ILE A 252 -17.85 -37.95 -10.68
CA ILE A 252 -18.26 -36.83 -9.83
C ILE A 252 -17.04 -36.20 -9.12
N GLN A 253 -16.26 -37.03 -8.45
CA GLN A 253 -15.10 -36.58 -7.69
C GLN A 253 -14.09 -35.85 -8.58
N ALA A 254 -13.88 -36.35 -9.80
CA ALA A 254 -12.93 -35.74 -10.73
C ALA A 254 -13.40 -34.32 -11.09
N VAL A 255 -14.71 -34.16 -11.29
CA VAL A 255 -15.27 -32.83 -11.47
C VAL A 255 -15.03 -31.95 -10.23
N LEU A 256 -15.32 -32.47 -9.04
CA LEU A 256 -15.16 -31.64 -7.83
C LEU A 256 -13.68 -31.28 -7.56
N ASP A 257 -12.76 -32.14 -7.98
CA ASP A 257 -11.33 -31.89 -7.81
C ASP A 257 -10.77 -30.74 -8.66
N ARG A 258 -11.59 -30.21 -9.57
CA ARG A 258 -11.18 -29.01 -10.33
C ARG A 258 -10.90 -27.81 -9.42
N ASN A 259 -11.49 -27.85 -8.22
CA ASN A 259 -11.25 -26.87 -7.16
C ASN A 259 -9.79 -26.72 -6.76
N LEU A 260 -9.08 -27.84 -6.68
CA LEU A 260 -7.67 -27.86 -6.37
C LEU A 260 -6.86 -26.89 -7.24
N ALA A 261 -7.08 -26.92 -8.56
CA ALA A 261 -6.40 -26.02 -9.50
C ALA A 261 -6.82 -24.56 -9.32
N GLU A 262 -8.12 -24.35 -9.10
CA GLU A 262 -8.67 -23.01 -9.09
C GLU A 262 -8.45 -22.32 -7.76
N ASN A 263 -8.01 -23.07 -6.75
CA ASN A 263 -7.61 -22.51 -5.45
C ASN A 263 -6.42 -21.53 -5.51
N ILE A 264 -5.61 -21.62 -6.56
CA ILE A 264 -4.45 -20.72 -6.71
C ILE A 264 -4.82 -19.24 -6.61
N SER A 265 -5.95 -18.87 -7.19
CA SER A 265 -6.35 -17.47 -7.17
C SER A 265 -7.48 -17.20 -6.17
N ARG A 266 -7.66 -18.09 -5.19
CA ARG A 266 -8.78 -17.98 -4.26
C ARG A 266 -8.67 -16.86 -3.23
N VAL A 267 -7.50 -16.70 -2.61
CA VAL A 267 -7.39 -15.82 -1.45
C VAL A 267 -6.01 -15.18 -1.31
N LEU A 268 -6.02 -13.90 -0.96
CA LEU A 268 -4.80 -13.14 -0.67
C LEU A 268 -4.20 -13.59 0.66
N TYR A 269 -2.90 -13.87 0.67
CA TYR A 269 -2.18 -14.12 1.95
C TYR A 269 -2.09 -12.83 2.78
N PRO A 270 -2.60 -12.86 4.03
CA PRO A 270 -2.68 -11.63 4.85
C PRO A 270 -1.51 -11.42 5.83
N ASN A 271 -0.48 -12.25 5.77
CA ASN A 271 0.62 -12.16 6.71
C ASN A 271 1.77 -11.27 6.18
N ASP A 272 1.67 -9.97 6.45
CA ASP A 272 2.60 -8.96 5.91
C ASP A 272 3.83 -8.72 6.80
N ASN A 273 3.95 -9.46 7.90
CA ASN A 273 5.21 -9.58 8.61
C ASN A 273 5.51 -11.07 8.69
N PHE A 274 6.74 -11.43 8.99
CA PHE A 274 7.15 -12.84 9.11
C PHE A 274 6.81 -13.71 7.89
N PHE A 275 7.81 -13.94 7.04
CA PHE A 275 7.63 -14.81 5.89
C PHE A 275 7.41 -16.27 6.31
N GLU A 276 6.40 -16.91 5.74
CA GLU A 276 6.25 -18.37 5.85
C GLU A 276 6.20 -19.03 4.49
N GLY A 277 7.08 -20.00 4.27
CA GLY A 277 7.11 -20.72 3.00
C GLY A 277 5.96 -21.70 2.81
N LYS A 278 4.81 -21.20 2.40
CA LYS A 278 3.66 -22.06 2.10
C LYS A 278 3.53 -22.35 0.61
N GLU A 279 3.39 -23.64 0.29
CA GLU A 279 3.35 -24.10 -1.11
C GLU A 279 2.33 -23.35 -1.98
N LEU A 280 1.13 -23.11 -1.44
CA LEU A 280 0.10 -22.42 -2.20
C LEU A 280 0.53 -20.98 -2.60
N ARG A 281 1.26 -20.30 -1.70
CA ARG A 281 1.81 -18.96 -2.04
C ARG A 281 2.86 -19.04 -3.15
N LEU A 282 3.69 -20.08 -3.13
CA LEU A 282 4.68 -20.25 -4.21
C LEU A 282 3.98 -20.42 -5.56
N LYS A 283 2.89 -21.19 -5.56
CA LYS A 283 2.11 -21.40 -6.77
C LYS A 283 1.55 -20.08 -7.30
N GLN A 284 1.02 -19.27 -6.40
CA GLN A 284 0.50 -17.93 -6.75
C GLN A 284 1.58 -17.07 -7.40
N GLU A 285 2.78 -17.11 -6.80
CA GLU A 285 3.91 -16.32 -7.30
C GLU A 285 4.34 -16.76 -8.68
N TYR A 286 4.45 -18.08 -8.92
CA TYR A 286 4.81 -18.54 -10.25
C TYR A 286 3.70 -18.29 -11.29
N PHE A 287 2.47 -18.50 -10.87
CA PHE A 287 1.29 -18.33 -11.72
C PHE A 287 1.23 -16.94 -12.32
N VAL A 288 1.37 -15.91 -11.50
CA VAL A 288 1.33 -14.54 -12.03
C VAL A 288 2.52 -14.26 -12.99
N VAL A 289 3.70 -14.77 -12.63
CA VAL A 289 4.92 -14.61 -13.42
C VAL A 289 4.89 -15.33 -14.79
N ALA A 290 4.43 -16.58 -14.81
CA ALA A 290 4.43 -17.39 -16.05
C ALA A 290 3.40 -16.88 -17.04
N ALA A 291 2.20 -16.58 -16.55
CA ALA A 291 1.18 -16.03 -17.45
C ALA A 291 1.53 -14.63 -17.96
N THR A 292 2.04 -13.77 -17.07
CA THR A 292 2.45 -12.42 -17.46
C THR A 292 3.55 -12.41 -18.53
N LEU A 293 4.60 -13.21 -18.33
CA LEU A 293 5.72 -13.24 -19.29
C LEU A 293 5.32 -13.77 -20.68
N GLN A 294 4.45 -14.79 -20.74
CA GLN A 294 3.92 -15.23 -22.06
C GLN A 294 3.16 -14.10 -22.76
N ASP A 295 2.39 -13.35 -21.99
CA ASP A 295 1.65 -12.21 -22.52
C ASP A 295 2.59 -11.14 -23.05
N ILE A 296 3.65 -10.87 -22.29
CA ILE A 296 4.66 -9.87 -22.67
C ILE A 296 5.36 -10.27 -23.97
N ILE A 297 5.81 -11.52 -24.05
CA ILE A 297 6.52 -12.00 -25.21
C ILE A 297 5.61 -11.99 -26.46
N ARG A 298 4.39 -12.48 -26.32
CA ARG A 298 3.40 -12.47 -27.40
C ARG A 298 3.21 -11.06 -27.97
N ARG A 299 3.03 -10.08 -27.07
CA ARG A 299 2.90 -8.69 -27.45
C ARG A 299 4.15 -8.14 -28.15
N PHE A 300 5.34 -8.52 -27.66
CA PHE A 300 6.62 -8.09 -28.27
C PHE A 300 6.79 -8.61 -29.71
N LYS A 301 6.38 -9.85 -29.94
CA LYS A 301 6.48 -10.46 -31.25
C LYS A 301 5.55 -9.82 -32.28
N SER A 302 4.45 -9.24 -31.79
CA SER A 302 3.46 -8.60 -32.66
C SER A 302 3.83 -7.18 -33.06
N SER A 303 5.13 -6.86 -33.03
CA SER A 303 5.63 -5.56 -33.41
C SER A 303 5.88 -5.48 -34.92
N THR A 313 12.38 -12.94 -33.57
CA THR A 313 13.73 -13.47 -33.73
C THR A 313 14.74 -12.62 -32.95
N ASN A 314 14.65 -11.30 -33.10
CA ASN A 314 15.62 -10.40 -32.49
C ASN A 314 15.27 -9.93 -31.07
N PHE A 315 15.62 -10.77 -30.10
CA PHE A 315 15.48 -10.42 -28.69
C PHE A 315 16.47 -9.37 -28.20
N ASP A 316 17.44 -8.99 -29.05
CA ASP A 316 18.39 -7.91 -28.71
C ASP A 316 17.64 -6.62 -28.42
N ALA A 317 16.55 -6.39 -29.13
CA ALA A 317 15.76 -5.18 -28.97
C ALA A 317 14.73 -5.33 -27.84
N PHE A 318 14.68 -6.50 -27.22
CA PHE A 318 13.70 -6.79 -26.16
C PHE A 318 13.74 -5.76 -25.01
N PRO A 319 14.94 -5.46 -24.46
CA PRO A 319 15.01 -4.42 -23.41
C PRO A 319 14.75 -2.98 -23.87
N ASP A 320 14.77 -2.71 -25.17
CA ASP A 320 14.38 -1.39 -25.69
C ASP A 320 12.86 -1.24 -25.76
N LYS A 321 12.13 -2.35 -25.64
CA LYS A 321 10.67 -2.33 -25.83
C LYS A 321 9.91 -2.85 -24.61
N VAL A 322 10.66 -3.36 -23.63
CA VAL A 322 10.09 -3.94 -22.42
C VAL A 322 10.89 -3.54 -21.16
N ALA A 323 10.18 -3.01 -20.17
CA ALA A 323 10.71 -2.94 -18.79
C ALA A 323 9.76 -3.72 -17.88
N ILE A 324 10.35 -4.49 -16.97
CA ILE A 324 9.60 -5.26 -15.98
C ILE A 324 10.02 -4.75 -14.60
N GLN A 325 9.08 -4.16 -13.86
CA GLN A 325 9.35 -3.73 -12.48
C GLN A 325 8.81 -4.73 -11.48
N LEU A 326 9.69 -5.23 -10.61
CA LEU A 326 9.31 -6.21 -9.60
C LEU A 326 9.00 -5.50 -8.30
N ASN A 327 7.75 -5.61 -7.84
CA ASN A 327 7.30 -4.98 -6.59
C ASN A 327 7.65 -5.94 -5.46
N ASP A 328 8.86 -5.74 -4.93
CA ASP A 328 9.48 -6.65 -3.96
C ASP A 328 9.87 -7.96 -4.65
N THR A 329 10.22 -8.98 -3.86
CA THR A 329 10.68 -10.27 -4.39
C THR A 329 9.51 -11.19 -4.73
N HIS A 330 8.28 -10.76 -4.43
CA HIS A 330 7.12 -11.63 -4.68
C HIS A 330 6.99 -12.17 -6.10
N PRO A 331 7.32 -11.34 -7.14
CA PRO A 331 7.40 -11.89 -8.49
C PRO A 331 8.82 -12.15 -8.98
N SER A 332 9.76 -12.41 -8.06
CA SER A 332 11.17 -12.64 -8.40
C SER A 332 11.41 -13.82 -9.36
N LEU A 333 10.47 -14.76 -9.41
CA LEU A 333 10.55 -15.88 -10.37
C LEU A 333 10.51 -15.44 -11.84
N ALA A 334 10.14 -14.18 -12.11
CA ALA A 334 10.26 -13.60 -13.46
C ALA A 334 11.67 -13.74 -14.04
N ILE A 335 12.69 -13.69 -13.19
CA ILE A 335 14.09 -13.71 -13.63
C ILE A 335 14.46 -15.10 -14.21
N PRO A 336 14.30 -16.18 -13.41
CA PRO A 336 14.57 -17.50 -14.01
C PRO A 336 13.55 -17.95 -15.06
N GLU A 337 12.31 -17.46 -14.98
CA GLU A 337 11.32 -17.78 -16.00
C GLU A 337 11.68 -17.13 -17.33
N LEU A 338 12.16 -15.89 -17.30
CA LEU A 338 12.58 -15.24 -18.54
C LEU A 338 13.79 -15.99 -19.12
N MET A 339 14.75 -16.36 -18.27
CA MET A 339 15.87 -17.21 -18.71
C MET A 339 15.41 -18.55 -19.31
N ARG A 340 14.47 -19.22 -18.64
CA ARG A 340 13.92 -20.50 -19.12
C ARG A 340 13.34 -20.37 -20.53
N VAL A 341 12.50 -19.36 -20.73
CA VAL A 341 11.87 -19.12 -22.03
C VAL A 341 12.92 -18.80 -23.12
N LEU A 342 13.89 -17.95 -22.82
CA LEU A 342 14.88 -17.54 -23.84
C LEU A 342 15.86 -18.68 -24.20
N VAL A 343 16.28 -19.44 -23.19
CA VAL A 343 17.24 -20.53 -23.34
C VAL A 343 16.57 -21.82 -23.87
N ASP A 344 15.50 -22.27 -23.21
CA ASP A 344 14.85 -23.55 -23.55
C ASP A 344 13.88 -23.47 -24.73
N LEU A 345 13.23 -22.33 -24.92
CA LEU A 345 12.18 -22.26 -25.93
C LEU A 345 12.62 -21.52 -27.17
N GLU A 346 13.26 -20.37 -26.96
CA GLU A 346 13.76 -19.54 -28.05
C GLU A 346 15.17 -19.91 -28.47
N ARG A 347 15.82 -20.77 -27.66
CA ARG A 347 17.13 -21.35 -27.96
C ARG A 347 18.29 -20.33 -28.03
N LEU A 348 18.17 -19.22 -27.31
CA LEU A 348 19.28 -18.27 -27.19
C LEU A 348 20.38 -18.88 -26.33
N ASP A 349 21.63 -18.50 -26.58
CA ASP A 349 22.72 -18.92 -25.70
C ASP A 349 22.59 -18.19 -24.35
N TRP A 350 23.12 -18.82 -23.30
CA TRP A 350 22.97 -18.35 -21.93
C TRP A 350 23.35 -16.88 -21.73
N ASP A 351 24.55 -16.51 -22.17
CA ASP A 351 25.11 -15.18 -21.95
C ASP A 351 24.28 -14.07 -22.59
N LYS A 352 23.75 -14.33 -23.77
CA LYS A 352 22.89 -13.38 -24.47
C LYS A 352 21.53 -13.24 -23.75
N ALA A 353 20.95 -14.38 -23.36
CA ALA A 353 19.72 -14.41 -22.57
C ALA A 353 19.86 -13.64 -21.27
N TRP A 354 20.98 -13.83 -20.59
CA TRP A 354 21.24 -13.18 -19.31
C TRP A 354 21.33 -11.66 -19.45
N GLU A 355 21.99 -11.22 -20.51
CA GLU A 355 22.14 -9.79 -20.78
C GLU A 355 20.77 -9.15 -20.98
N VAL A 356 19.96 -9.80 -21.80
CA VAL A 356 18.58 -9.39 -22.04
C VAL A 356 17.80 -9.30 -20.73
N THR A 357 17.88 -10.35 -19.91
CA THR A 357 17.14 -10.40 -18.66
C THR A 357 17.50 -9.27 -17.71
N VAL A 358 18.80 -9.09 -17.46
CA VAL A 358 19.31 -8.04 -16.59
C VAL A 358 18.88 -6.64 -17.06
N LYS A 359 19.01 -6.39 -18.35
CA LYS A 359 18.58 -5.12 -18.92
C LYS A 359 17.07 -4.89 -18.85
N THR A 360 16.31 -5.96 -18.70
CA THR A 360 14.86 -5.88 -18.69
C THR A 360 14.30 -5.67 -17.28
N CYS A 361 14.90 -6.32 -16.28
CA CYS A 361 14.33 -6.38 -14.93
C CYS A 361 14.90 -5.34 -13.98
N ALA A 362 14.03 -4.80 -13.12
CA ALA A 362 14.47 -3.94 -12.02
C ALA A 362 13.68 -4.32 -10.75
N TYR A 363 14.29 -4.13 -9.59
CA TYR A 363 13.78 -4.65 -8.35
C TYR A 363 13.63 -3.55 -7.31
N THR A 364 12.44 -3.41 -6.76
CA THR A 364 12.15 -2.47 -5.65
C THR A 364 12.06 -3.25 -4.34
N ASN A 365 12.89 -2.87 -3.37
CA ASN A 365 12.90 -3.47 -2.02
C ASN A 365 12.05 -2.63 -1.08
N HIS A 366 11.32 -3.31 -0.21
CA HIS A 366 10.42 -2.66 0.73
C HIS A 366 10.63 -2.94 2.23
N THR A 367 11.66 -3.67 2.64
CA THR A 367 11.89 -3.84 4.11
C THR A 367 13.33 -4.06 4.52
N VAL A 368 13.59 -4.01 5.83
CA VAL A 368 14.90 -4.39 6.33
C VAL A 368 14.80 -5.44 7.41
N LEU A 369 13.59 -5.80 7.82
CA LEU A 369 13.45 -6.81 8.86
C LEU A 369 13.80 -8.18 8.27
N PRO A 370 14.77 -8.86 8.89
CA PRO A 370 15.30 -10.12 8.34
C PRO A 370 14.23 -11.20 8.18
N GLU A 371 13.27 -11.25 9.11
CA GLU A 371 12.21 -12.27 9.05
C GLU A 371 11.18 -12.06 7.93
N ALA A 372 11.26 -10.91 7.26
CA ALA A 372 10.31 -10.54 6.20
C ALA A 372 10.81 -10.94 4.79
N LEU A 373 12.11 -11.22 4.67
CA LEU A 373 12.68 -11.60 3.39
C LEU A 373 12.21 -12.99 2.96
N GLU A 374 11.82 -13.13 1.69
CA GLU A 374 11.46 -14.45 1.16
C GLU A 374 12.67 -15.37 0.99
N ARG A 375 12.62 -16.51 1.66
CA ARG A 375 13.67 -17.53 1.55
C ARG A 375 13.01 -18.87 1.33
N TRP A 376 12.94 -19.31 0.08
CA TRP A 376 12.19 -20.51 -0.22
C TRP A 376 13.05 -21.76 -0.02
N PRO A 377 12.53 -22.73 0.77
CA PRO A 377 13.19 -24.04 0.90
C PRO A 377 13.43 -24.66 -0.47
N VAL A 378 14.63 -25.20 -0.67
CA VAL A 378 15.02 -25.81 -1.93
C VAL A 378 14.11 -27.00 -2.31
N HIS A 379 13.67 -27.76 -1.30
CA HIS A 379 12.84 -28.96 -1.54
C HIS A 379 11.49 -28.59 -2.14
N LEU A 380 10.99 -27.39 -1.80
CA LEU A 380 9.75 -26.90 -2.43
C LEU A 380 9.94 -26.59 -3.91
N LEU A 381 11.03 -25.91 -4.25
CA LEU A 381 11.31 -25.57 -5.65
C LEU A 381 11.63 -26.80 -6.46
N GLU A 382 12.37 -27.72 -5.84
CA GLU A 382 12.75 -28.98 -6.47
C GLU A 382 11.54 -29.73 -7.02
N THR A 383 10.48 -29.75 -6.24
CA THR A 383 9.26 -30.48 -6.56
C THR A 383 8.33 -29.70 -7.47
N LEU A 384 8.15 -28.42 -7.16
CA LEU A 384 7.18 -27.61 -7.89
C LEU A 384 7.74 -27.11 -9.20
N LEU A 385 9.01 -26.70 -9.20
CA LEU A 385 9.63 -26.01 -10.34
C LEU A 385 11.06 -26.49 -10.60
N PRO A 386 11.22 -27.78 -10.98
CA PRO A 386 12.57 -28.39 -11.07
C PRO A 386 13.51 -27.70 -12.05
N ARG A 387 12.95 -27.20 -13.16
CA ARG A 387 13.76 -26.49 -14.15
C ARG A 387 14.25 -25.12 -13.62
N HIS A 388 13.37 -24.38 -12.95
CA HIS A 388 13.74 -23.10 -12.33
C HIS A 388 14.86 -23.23 -11.30
N LEU A 389 14.84 -24.30 -10.51
CA LEU A 389 15.89 -24.55 -9.53
C LEU A 389 17.25 -24.79 -10.23
N GLN A 390 17.25 -25.51 -11.35
CA GLN A 390 18.50 -25.71 -12.11
C GLN A 390 19.03 -24.37 -12.59
N ILE A 391 18.14 -23.52 -13.08
CA ILE A 391 18.56 -22.23 -13.64
C ILE A 391 19.12 -21.31 -12.54
N ILE A 392 18.45 -21.32 -11.38
CA ILE A 392 18.90 -20.53 -10.22
C ILE A 392 20.30 -20.99 -9.75
N TYR A 393 20.53 -22.31 -9.79
CA TYR A 393 21.84 -22.84 -9.42
C TYR A 393 22.89 -22.32 -10.39
N GLU A 394 22.55 -22.33 -11.68
CA GLU A 394 23.45 -21.85 -12.73
C GLU A 394 23.71 -20.33 -12.60
N ILE A 395 22.66 -19.56 -12.34
CA ILE A 395 22.83 -18.13 -12.07
C ILE A 395 23.81 -17.94 -10.90
N ASN A 396 23.60 -18.70 -9.83
CA ASN A 396 24.43 -18.57 -8.63
C ASN A 396 25.92 -18.88 -8.86
N GLN A 397 26.18 -19.95 -9.60
CA GLN A 397 27.54 -20.37 -9.93
C GLN A 397 28.28 -19.28 -10.71
N ARG A 398 27.63 -18.76 -11.74
CA ARG A 398 28.22 -17.68 -12.55
C ARG A 398 28.43 -16.38 -11.77
N PHE A 399 27.44 -16.01 -10.95
CA PHE A 399 27.55 -14.82 -10.10
C PHE A 399 28.72 -14.95 -9.10
N LEU A 400 28.80 -16.08 -8.41
CA LEU A 400 29.87 -16.27 -7.42
C LEU A 400 31.25 -16.35 -8.05
N ASN A 401 31.32 -16.81 -9.30
CA ASN A 401 32.56 -16.74 -10.07
C ASN A 401 33.01 -15.30 -10.28
N ARG A 402 32.06 -14.41 -10.55
CA ARG A 402 32.37 -12.97 -10.63
C ARG A 402 32.80 -12.37 -9.30
N VAL A 403 32.18 -12.78 -8.20
CA VAL A 403 32.54 -12.28 -6.85
C VAL A 403 33.99 -12.69 -6.51
N ALA A 404 34.30 -13.95 -6.80
CA ALA A 404 35.63 -14.51 -6.54
C ALA A 404 36.72 -13.78 -7.33
N ALA A 405 36.41 -13.36 -8.55
CA ALA A 405 37.39 -12.65 -9.38
C ALA A 405 37.60 -11.24 -8.88
N ALA A 406 36.55 -10.60 -8.36
CA ALA A 406 36.64 -9.24 -7.86
C ALA A 406 37.27 -9.17 -6.47
N PHE A 407 37.10 -10.21 -5.67
CA PHE A 407 37.53 -10.19 -4.28
C PHE A 407 38.23 -11.52 -3.99
N PRO A 408 39.44 -11.75 -4.59
CA PRO A 408 40.05 -13.07 -4.51
C PRO A 408 40.42 -13.42 -3.07
N GLY A 409 40.10 -14.63 -2.64
CA GLY A 409 40.43 -15.09 -1.29
C GLY A 409 39.41 -14.77 -0.21
N ASP A 410 38.44 -13.91 -0.52
CA ASP A 410 37.43 -13.53 0.46
C ASP A 410 36.34 -14.60 0.48
N VAL A 411 36.60 -15.72 1.16
CA VAL A 411 35.69 -16.86 1.15
C VAL A 411 34.43 -16.61 1.94
N ASP A 412 34.50 -15.78 2.99
CA ASP A 412 33.29 -15.43 3.71
C ASP A 412 32.31 -14.57 2.88
N ARG A 413 32.85 -13.70 2.04
CA ARG A 413 31.98 -12.92 1.15
C ARG A 413 31.19 -13.88 0.26
N LEU A 414 31.89 -14.88 -0.31
CA LEU A 414 31.24 -15.89 -1.16
C LEU A 414 30.04 -16.54 -0.49
N ARG A 415 30.20 -16.87 0.79
CA ARG A 415 29.11 -17.47 1.54
C ARG A 415 28.01 -16.44 1.84
N ARG A 416 28.37 -15.19 2.12
CA ARG A 416 27.39 -14.16 2.42
C ARG A 416 26.55 -13.76 1.22
N MET A 417 27.16 -13.77 0.05
CA MET A 417 26.47 -13.32 -1.17
C MET A 417 25.72 -14.41 -1.93
N SER A 418 25.95 -15.67 -1.55
CA SER A 418 25.34 -16.78 -2.30
C SER A 418 23.81 -16.65 -2.36
N LEU A 419 23.22 -17.05 -3.48
CA LEU A 419 21.76 -17.12 -3.57
C LEU A 419 21.27 -18.30 -2.75
N VAL A 420 22.14 -19.30 -2.57
CA VAL A 420 21.79 -20.49 -1.81
C VAL A 420 22.31 -20.34 -0.40
N GLU A 421 21.41 -20.45 0.58
CA GLU A 421 21.78 -20.42 1.98
C GLU A 421 21.80 -21.84 2.56
N GLU A 422 22.91 -22.19 3.19
CA GLU A 422 23.06 -23.47 3.87
C GLU A 422 22.48 -23.38 5.28
N GLY A 423 22.16 -24.53 5.86
CA GLY A 423 21.60 -24.58 7.21
C GLY A 423 20.84 -25.86 7.40
N ALA A 424 19.91 -25.87 8.35
CA ALA A 424 19.02 -27.00 8.57
C ALA A 424 18.37 -27.43 7.24
N VAL A 425 17.54 -26.55 6.66
CA VAL A 425 17.09 -26.71 5.29
C VAL A 425 17.81 -25.70 4.42
N LYS A 426 18.22 -26.12 3.23
CA LYS A 426 18.81 -25.22 2.27
C LYS A 426 17.69 -24.31 1.75
N ARG A 427 17.97 -23.01 1.65
CA ARG A 427 16.98 -22.05 1.14
C ARG A 427 17.55 -21.23 -0.01
N ILE A 428 16.64 -20.72 -0.86
CA ILE A 428 16.99 -19.71 -1.85
C ILE A 428 16.65 -18.32 -1.31
N ASN A 429 17.61 -17.40 -1.33
CA ASN A 429 17.36 -16.02 -0.94
C ASN A 429 16.91 -15.23 -2.19
N MET A 430 15.62 -14.88 -2.22
CA MET A 430 15.01 -14.29 -3.41
C MET A 430 15.49 -12.85 -3.62
N ALA A 431 15.91 -12.18 -2.55
CA ALA A 431 16.48 -10.84 -2.65
C ALA A 431 17.82 -10.86 -3.39
N HIS A 432 18.61 -11.88 -3.13
CA HIS A 432 19.93 -12.01 -3.76
C HIS A 432 19.74 -12.34 -5.22
N LEU A 433 18.75 -13.19 -5.52
CA LEU A 433 18.39 -13.49 -6.91
C LEU A 433 18.00 -12.20 -7.65
N CYS A 434 17.17 -11.38 -6.99
CA CYS A 434 16.69 -10.14 -7.60
C CYS A 434 17.80 -9.14 -7.90
N ILE A 435 18.78 -9.05 -7.00
CA ILE A 435 19.89 -8.09 -7.19
C ILE A 435 20.79 -8.56 -8.34
N ALA A 436 21.09 -9.86 -8.36
CA ALA A 436 21.91 -10.47 -9.41
C ALA A 436 21.28 -10.31 -10.80
N GLY A 437 19.96 -10.40 -10.90
CA GLY A 437 19.30 -10.40 -12.21
C GLY A 437 18.60 -9.12 -12.65
N SER A 438 18.89 -8.01 -11.96
CA SER A 438 18.29 -6.70 -12.26
C SER A 438 19.38 -5.65 -12.57
N HIS A 439 19.13 -4.73 -13.50
CA HIS A 439 20.08 -3.60 -13.73
C HIS A 439 19.89 -2.45 -12.73
N ALA A 440 18.81 -2.48 -11.96
CA ALA A 440 18.51 -1.43 -10.96
C ALA A 440 17.82 -2.02 -9.75
N VAL A 441 18.27 -1.56 -8.59
CA VAL A 441 17.71 -1.93 -7.31
C VAL A 441 17.46 -0.62 -6.57
N ASN A 442 16.24 -0.44 -6.07
CA ASN A 442 15.95 0.78 -5.33
C ASN A 442 15.26 0.52 -4.01
N GLY A 443 15.55 1.38 -3.04
CA GLY A 443 14.77 1.48 -1.81
C GLY A 443 13.74 2.59 -1.98
N VAL A 444 12.91 2.80 -0.95
CA VAL A 444 11.67 3.57 -1.10
C VAL A 444 11.66 4.88 -0.34
N ALA A 445 12.80 5.22 0.27
CA ALA A 445 13.02 6.52 0.93
C ALA A 445 14.53 6.69 1.10
N ARG A 446 15.00 7.94 1.18
CA ARG A 446 16.46 8.18 1.16
C ARG A 446 17.19 7.38 2.26
N ILE A 447 16.68 7.42 3.48
CA ILE A 447 17.35 6.73 4.60
C ILE A 447 17.35 5.18 4.44
N HIS A 448 16.25 4.66 3.88
CA HIS A 448 16.11 3.23 3.56
C HIS A 448 17.12 2.79 2.50
N SER A 449 17.22 3.55 1.42
CA SER A 449 18.17 3.24 0.35
C SER A 449 19.62 3.27 0.84
N GLU A 450 19.92 4.19 1.76
CA GLU A 450 21.24 4.28 2.40
C GLU A 450 21.52 3.10 3.33
N ILE A 451 20.53 2.71 4.11
CA ILE A 451 20.65 1.53 4.93
C ILE A 451 20.90 0.28 4.06
N LEU A 452 20.25 0.19 2.89
CA LEU A 452 20.49 -0.92 1.96
C LEU A 452 21.96 -1.00 1.52
N LYS A 453 22.54 0.14 1.17
CA LYS A 453 23.92 0.20 0.70
C LYS A 453 24.96 -0.04 1.81
N LYS A 454 24.65 0.43 3.02
CA LYS A 454 25.58 0.41 4.15
C LYS A 454 25.56 -0.87 4.96
N THR A 455 24.39 -1.52 5.03
CA THR A 455 24.24 -2.72 5.87
C THR A 455 23.79 -3.99 5.12
N ILE A 456 22.49 -4.17 4.89
CA ILE A 456 22.04 -5.50 4.44
C ILE A 456 22.46 -5.96 3.07
N PHE A 457 22.65 -5.04 2.12
CA PHE A 457 23.18 -5.40 0.81
C PHE A 457 24.55 -4.77 0.53
N LYS A 458 25.32 -4.54 1.58
CA LYS A 458 26.65 -3.92 1.48
C LYS A 458 27.57 -4.64 0.48
N ASP A 459 27.64 -5.97 0.56
CA ASP A 459 28.47 -6.77 -0.33
C ASP A 459 28.12 -6.53 -1.80
N PHE A 460 26.81 -6.44 -2.07
CA PHE A 460 26.28 -6.27 -3.43
C PHE A 460 26.56 -4.90 -3.98
N TYR A 461 26.45 -3.90 -3.12
CA TYR A 461 26.80 -2.53 -3.46
C TYR A 461 28.29 -2.39 -3.81
N GLU A 462 29.17 -3.08 -3.07
CA GLU A 462 30.62 -3.02 -3.34
C GLU A 462 30.97 -3.65 -4.68
N LEU A 463 30.27 -4.73 -5.03
CA LEU A 463 30.48 -5.38 -6.34
C LEU A 463 29.90 -4.58 -7.50
N GLU A 464 28.72 -3.99 -7.31
CA GLU A 464 28.03 -3.35 -8.43
C GLU A 464 27.36 -2.06 -7.97
N PRO A 465 28.15 -1.00 -7.72
CA PRO A 465 27.60 0.19 -7.08
C PRO A 465 26.57 0.93 -7.94
N HIS A 466 26.69 0.79 -9.26
CA HIS A 466 25.84 1.51 -10.21
C HIS A 466 24.38 1.03 -10.19
N LYS A 467 24.12 -0.18 -9.68
CA LYS A 467 22.77 -0.75 -9.59
C LYS A 467 21.86 -0.07 -8.55
N PHE A 468 22.47 0.51 -7.52
CA PHE A 468 21.71 0.93 -6.36
C PHE A 468 21.22 2.38 -6.45
N GLN A 469 19.89 2.53 -6.33
CA GLN A 469 19.21 3.81 -6.46
C GLN A 469 18.26 4.05 -5.30
N ASN A 470 17.80 5.29 -5.18
CA ASN A 470 16.67 5.63 -4.32
C ASN A 470 15.49 6.09 -5.19
N LYS A 471 14.28 5.66 -4.85
CA LYS A 471 13.06 6.27 -5.37
C LYS A 471 12.09 6.49 -4.20
N THR A 472 12.08 7.69 -3.64
CA THR A 472 11.23 7.98 -2.49
C THR A 472 9.76 7.83 -2.91
N ASN A 473 9.01 7.11 -2.08
CA ASN A 473 7.57 6.86 -2.30
C ASN A 473 6.74 8.16 -2.44
N GLY A 474 5.53 8.03 -3.01
CA GLY A 474 4.58 9.12 -3.10
C GLY A 474 3.15 8.56 -3.06
N ILE A 475 2.18 9.45 -3.07
CA ILE A 475 0.77 9.09 -3.12
C ILE A 475 0.12 9.90 -4.23
N THR A 476 -0.99 9.41 -4.78
CA THR A 476 -1.67 10.18 -5.83
C THR A 476 -2.54 11.30 -5.23
N PRO A 477 -2.35 12.55 -5.69
CA PRO A 477 -3.15 13.64 -5.15
C PRO A 477 -4.60 13.63 -5.69
N ARG A 478 -4.89 12.80 -6.68
CA ARG A 478 -6.28 12.63 -7.10
C ARG A 478 -7.11 11.94 -6.01
N ARG A 479 -6.86 10.67 -5.72
CA ARG A 479 -7.60 10.00 -4.62
C ARG A 479 -7.39 10.68 -3.27
N TRP A 480 -6.14 11.06 -2.99
CA TRP A 480 -5.74 11.47 -1.63
C TRP A 480 -5.85 12.96 -1.35
N LEU A 481 -6.33 13.73 -2.33
CA LEU A 481 -6.76 15.11 -2.00
C LEU A 481 -8.12 15.45 -2.63
N VAL A 482 -8.21 15.41 -3.96
CA VAL A 482 -9.42 15.85 -4.67
C VAL A 482 -10.63 14.99 -4.34
N LEU A 483 -10.43 13.68 -4.33
CA LEU A 483 -11.53 12.74 -4.06
C LEU A 483 -11.98 12.77 -2.60
N CYS A 484 -11.04 12.64 -1.66
CA CYS A 484 -11.39 12.49 -0.25
C CYS A 484 -11.57 13.83 0.48
N ASN A 485 -10.99 14.90 -0.04
CA ASN A 485 -11.10 16.18 0.66
C ASN A 485 -11.43 17.32 -0.34
N PRO A 486 -12.65 17.26 -0.95
CA PRO A 486 -12.95 18.27 -1.99
C PRO A 486 -12.96 19.70 -1.44
N GLY A 487 -13.41 19.86 -0.20
CA GLY A 487 -13.41 21.16 0.48
C GLY A 487 -12.04 21.82 0.52
N LEU A 488 -11.02 21.05 0.87
CA LEU A 488 -9.65 21.57 0.89
C LEU A 488 -9.16 21.81 -0.52
N ALA A 489 -9.47 20.91 -1.44
CA ALA A 489 -9.04 21.08 -2.82
C ALA A 489 -9.57 22.40 -3.43
N GLU A 490 -10.78 22.76 -3.04
CA GLU A 490 -11.49 23.93 -3.54
C GLU A 490 -10.93 25.25 -3.01
N ILE A 491 -10.68 25.33 -1.71
CA ILE A 491 -10.10 26.56 -1.14
C ILE A 491 -8.69 26.77 -1.67
N ILE A 492 -8.00 25.69 -2.03
CA ILE A 492 -6.69 25.81 -2.66
C ILE A 492 -6.83 26.29 -4.10
N ALA A 493 -7.75 25.67 -4.85
CA ALA A 493 -7.97 26.06 -6.27
C ALA A 493 -8.36 27.55 -6.41
N GLU A 494 -9.17 28.03 -5.46
CA GLU A 494 -9.57 29.44 -5.41
C GLU A 494 -8.38 30.39 -5.48
N ARG A 495 -7.31 30.09 -4.73
CA ARG A 495 -6.15 30.97 -4.69
C ARG A 495 -5.17 30.74 -5.83
N ILE A 496 -4.89 29.48 -6.16
CA ILE A 496 -3.78 29.20 -7.05
C ILE A 496 -4.16 28.49 -8.35
N GLY A 497 -5.45 28.26 -8.57
CA GLY A 497 -5.86 27.56 -9.79
C GLY A 497 -5.83 26.05 -9.64
N GLU A 498 -6.13 25.34 -10.73
CA GLU A 498 -6.38 23.90 -10.72
C GLU A 498 -5.20 23.04 -11.13
N GLU A 499 -4.19 23.68 -11.74
CA GLU A 499 -3.00 23.03 -12.26
C GLU A 499 -2.25 22.15 -11.25
N TYR A 500 -2.36 22.48 -9.96
CA TYR A 500 -1.59 21.78 -8.94
C TYR A 500 -1.99 20.31 -8.82
N ILE A 501 -3.20 19.96 -9.28
CA ILE A 501 -3.74 18.60 -9.17
C ILE A 501 -2.90 17.58 -9.93
N SER A 502 -2.25 18.01 -11.00
CA SER A 502 -1.31 17.16 -11.70
C SER A 502 0.12 17.75 -11.75
N ASP A 503 0.39 18.72 -10.89
CA ASP A 503 1.72 19.29 -10.73
C ASP A 503 1.80 19.77 -9.29
N LEU A 504 1.94 18.82 -8.37
CA LEU A 504 1.73 19.12 -6.95
C LEU A 504 2.77 20.08 -6.35
N ASP A 505 3.92 20.24 -7.02
CA ASP A 505 4.91 21.23 -6.57
C ASP A 505 4.36 22.65 -6.50
N GLN A 506 3.31 22.92 -7.27
CA GLN A 506 2.65 24.22 -7.26
C GLN A 506 2.07 24.63 -5.89
N LEU A 507 1.85 23.65 -5.00
CA LEU A 507 1.36 23.94 -3.64
C LEU A 507 2.26 24.91 -2.84
N ARG A 508 3.53 25.01 -3.22
CA ARG A 508 4.49 25.94 -2.60
C ARG A 508 4.01 27.38 -2.71
N LYS A 509 3.30 27.70 -3.80
CA LYS A 509 2.65 28.99 -3.95
C LYS A 509 1.84 29.38 -2.72
N LEU A 510 1.34 28.39 -1.99
CA LEU A 510 0.58 28.65 -0.74
C LEU A 510 1.39 29.29 0.39
N LEU A 511 2.72 29.24 0.30
CA LEU A 511 3.57 29.88 1.33
C LEU A 511 3.30 31.40 1.45
N SER A 512 2.84 32.03 0.38
CA SER A 512 2.51 33.46 0.44
C SER A 512 1.14 33.77 1.03
N TYR A 513 0.45 32.75 1.54
CA TYR A 513 -0.86 32.93 2.18
C TYR A 513 -0.84 32.58 3.66
N VAL A 514 0.37 32.31 4.16
CA VAL A 514 0.55 31.91 5.56
C VAL A 514 0.10 32.99 6.55
N ASP A 515 0.17 34.25 6.14
CA ASP A 515 -0.30 35.38 6.97
C ASP A 515 -1.64 35.95 6.50
N ASP A 516 -2.28 35.27 5.56
CA ASP A 516 -3.56 35.68 4.99
C ASP A 516 -4.72 35.24 5.87
N GLU A 517 -5.36 36.20 6.50
CA GLU A 517 -6.42 35.95 7.46
C GLU A 517 -7.59 35.14 6.90
N ALA A 518 -7.98 35.42 5.66
CA ALA A 518 -9.10 34.69 5.04
C ALA A 518 -8.74 33.21 4.87
N PHE A 519 -7.56 32.95 4.29
CA PHE A 519 -7.04 31.59 4.07
C PHE A 519 -6.88 30.77 5.36
N ILE A 520 -6.28 31.38 6.39
CA ILE A 520 -6.18 30.76 7.73
C ILE A 520 -7.57 30.27 8.23
N ARG A 521 -8.56 31.15 8.15
CA ARG A 521 -9.93 30.85 8.54
C ARG A 521 -10.56 29.72 7.70
N ASP A 522 -10.32 29.75 6.39
CA ASP A 522 -10.85 28.74 5.45
C ASP A 522 -10.19 27.38 5.66
N VAL A 523 -8.87 27.36 5.84
CA VAL A 523 -8.16 26.10 6.13
C VAL A 523 -8.76 25.49 7.41
N ALA A 524 -8.92 26.31 8.45
CA ALA A 524 -9.48 25.84 9.73
C ALA A 524 -10.93 25.40 9.63
N LYS A 525 -11.70 26.10 8.79
CA LYS A 525 -13.11 25.75 8.59
C LYS A 525 -13.28 24.40 7.88
N VAL A 526 -12.46 24.16 6.86
CA VAL A 526 -12.51 22.88 6.15
C VAL A 526 -12.20 21.70 7.10
N LYS A 527 -11.20 21.87 7.96
CA LYS A 527 -10.84 20.83 8.95
C LYS A 527 -12.00 20.58 9.92
N GLN A 528 -12.60 21.66 10.41
CA GLN A 528 -13.75 21.53 11.31
C GLN A 528 -14.91 20.81 10.65
N GLU A 529 -15.18 21.14 9.40
CA GLU A 529 -16.25 20.43 8.67
C GLU A 529 -15.95 18.94 8.47
N ASN A 530 -14.68 18.62 8.19
CA ASN A 530 -14.27 17.21 8.01
C ASN A 530 -14.44 16.41 9.29
N LYS A 531 -14.12 17.05 10.42
CA LYS A 531 -14.25 16.42 11.74
C LYS A 531 -15.72 16.23 12.14
N LEU A 532 -16.58 17.21 11.88
CA LEU A 532 -18.02 17.09 12.15
C LEU A 532 -18.64 15.94 11.36
N LYS A 533 -18.24 15.82 10.10
CA LYS A 533 -18.69 14.76 9.22
C LYS A 533 -18.25 13.39 9.74
N PHE A 534 -16.98 13.28 10.15
CA PHE A 534 -16.47 12.01 10.66
C PHE A 534 -17.08 11.61 11.99
N ALA A 535 -17.27 12.59 12.88
CA ALA A 535 -17.94 12.38 14.17
C ALA A 535 -19.37 11.88 13.99
N ALA A 536 -20.02 12.32 12.92
CA ALA A 536 -21.37 11.91 12.59
C ALA A 536 -21.39 10.50 12.00
N TYR A 537 -20.37 10.17 11.19
CA TYR A 537 -20.25 8.84 10.61
C TYR A 537 -20.09 7.81 11.72
N LEU A 538 -19.35 8.18 12.77
CA LEU A 538 -19.08 7.28 13.87
C LEU A 538 -20.36 6.89 14.64
N GLU A 539 -21.21 7.87 14.93
CA GLU A 539 -22.48 7.59 15.62
C GLU A 539 -23.45 6.77 14.77
N ARG A 540 -23.76 7.27 13.57
CA ARG A 540 -24.72 6.61 12.67
C ARG A 540 -24.37 5.15 12.35
N GLU A 541 -23.09 4.87 12.16
CA GLU A 541 -22.65 3.54 11.71
C GLU A 541 -22.08 2.67 12.82
N TYR A 542 -21.77 3.27 13.98
CA TYR A 542 -21.15 2.53 15.08
C TYR A 542 -21.61 2.94 16.49
N LYS A 543 -22.66 3.74 16.59
CA LYS A 543 -23.24 4.17 17.88
C LYS A 543 -22.21 4.57 18.95
N VAL A 544 -21.23 5.36 18.54
CA VAL A 544 -20.17 5.82 19.45
C VAL A 544 -20.13 7.36 19.52
N HIS A 545 -20.05 7.89 20.75
CA HIS A 545 -20.16 9.34 21.01
C HIS A 545 -18.80 10.06 21.18
N ILE A 546 -18.48 10.96 20.24
CA ILE A 546 -17.26 11.77 20.33
C ILE A 546 -17.48 13.29 20.34
N ASN A 547 -16.55 14.01 20.94
CA ASN A 547 -16.55 15.47 21.00
C ASN A 547 -15.76 16.05 19.82
N PRO A 548 -16.44 16.78 18.91
CA PRO A 548 -15.76 17.27 17.70
C PRO A 548 -14.83 18.46 17.93
N ASN A 549 -14.82 19.02 19.13
CA ASN A 549 -13.87 20.11 19.45
C ASN A 549 -12.54 19.62 20.01
N SER A 550 -12.42 18.31 20.18
CA SER A 550 -11.18 17.74 20.71
C SER A 550 -10.16 17.62 19.58
N LEU A 551 -8.89 17.48 19.94
CA LEU A 551 -7.83 17.20 18.99
C LEU A 551 -7.97 15.73 18.51
N PHE A 552 -8.04 15.52 17.20
CA PHE A 552 -8.16 14.18 16.63
C PHE A 552 -6.78 13.57 16.42
N ASP A 553 -6.43 12.62 17.29
CA ASP A 553 -5.10 12.05 17.40
C ASP A 553 -5.18 10.63 16.79
N VAL A 554 -4.63 10.46 15.60
CA VAL A 554 -4.87 9.21 14.88
C VAL A 554 -3.62 8.44 14.43
N GLN A 555 -3.69 7.14 14.69
CA GLN A 555 -2.69 6.21 14.22
C GLN A 555 -3.38 5.07 13.50
N VAL A 556 -3.36 5.10 12.17
CA VAL A 556 -3.96 4.04 11.36
C VAL A 556 -2.94 3.46 10.40
N LYS A 557 -2.83 2.12 10.42
CA LYS A 557 -1.81 1.37 9.67
C LYS A 557 -1.92 -0.08 10.20
N ARG A 558 -1.35 -1.04 9.48
CA ARG A 558 -1.34 -2.41 9.98
C ARG A 558 -0.70 -2.52 11.40
N ILE A 559 -1.18 -3.48 12.19
CA ILE A 559 -0.64 -3.68 13.55
C ILE A 559 0.66 -4.50 13.53
N HIS A 560 1.76 -3.87 13.95
CA HIS A 560 3.09 -4.52 13.99
C HIS A 560 3.82 -3.98 15.21
N GLU A 561 4.62 -4.83 15.85
CA GLU A 561 5.47 -4.34 16.92
C GLU A 561 6.34 -3.16 16.49
N TYR A 562 6.95 -3.23 15.29
CA TYR A 562 7.85 -2.15 14.86
C TYR A 562 7.15 -0.80 14.72
N LYS A 563 5.85 -0.82 14.43
CA LYS A 563 5.09 0.41 14.25
C LYS A 563 4.74 1.08 15.61
N ARG A 564 4.83 0.30 16.69
CA ARG A 564 4.76 0.84 18.06
C ARG A 564 3.42 1.52 18.44
N GLN A 565 2.31 0.93 18.00
CA GLN A 565 1.01 1.19 18.60
C GLN A 565 1.12 1.13 20.13
N LEU A 566 1.99 0.26 20.64
CA LEU A 566 2.21 0.11 22.09
C LEU A 566 2.72 1.38 22.76
N LEU A 567 3.60 2.10 22.10
CA LEU A 567 4.11 3.37 22.64
C LEU A 567 2.99 4.41 22.77
N ASN A 568 2.12 4.43 21.77
CA ASN A 568 0.94 5.28 21.77
C ASN A 568 0.03 4.89 22.93
N CYS A 569 -0.18 3.58 23.12
CA CYS A 569 -0.90 3.08 24.30
C CYS A 569 -0.35 3.59 25.62
N LEU A 570 0.98 3.63 25.75
CA LEU A 570 1.58 4.08 27.00
C LEU A 570 1.27 5.56 27.22
N HIS A 571 1.27 6.35 26.14
CA HIS A 571 0.97 7.77 26.25
C HIS A 571 -0.47 7.99 26.71
N VAL A 572 -1.40 7.26 26.10
CA VAL A 572 -2.82 7.35 26.44
C VAL A 572 -3.03 7.08 27.92
N ILE A 573 -2.40 6.05 28.45
CA ILE A 573 -2.50 5.70 29.87
C ILE A 573 -1.87 6.78 30.77
N THR A 574 -0.73 7.33 30.35
CA THR A 574 -0.08 8.46 31.06
C THR A 574 -1.05 9.64 31.23
N LEU A 575 -1.75 10.00 30.14
CA LEU A 575 -2.71 11.12 30.15
C LEU A 575 -3.86 10.82 31.09
N TYR A 576 -4.33 9.59 31.05
CA TYR A 576 -5.38 9.14 31.94
C TYR A 576 -4.94 9.22 33.40
N ASN A 577 -3.75 8.70 33.69
CA ASN A 577 -3.22 8.75 35.06
C ASN A 577 -3.06 10.19 35.59
N ARG A 578 -2.53 11.06 34.74
CA ARG A 578 -2.40 12.50 35.05
C ARG A 578 -3.74 13.16 35.38
N ILE A 579 -4.78 12.84 34.59
CA ILE A 579 -6.11 13.36 34.85
C ILE A 579 -6.64 12.86 36.19
N LYS A 580 -6.52 11.55 36.43
CA LYS A 580 -6.98 10.98 37.69
C LYS A 580 -6.23 11.58 38.88
N LYS A 581 -4.97 11.97 38.66
CA LYS A 581 -4.11 12.53 39.70
C LYS A 581 -4.48 13.98 40.06
N GLU A 582 -4.88 14.76 39.05
CA GLU A 582 -5.22 16.18 39.20
C GLU A 582 -6.45 16.49 38.35
N PRO A 583 -7.63 16.02 38.79
CA PRO A 583 -8.83 16.04 37.94
C PRO A 583 -9.34 17.44 37.59
N ASN A 584 -9.06 18.43 38.43
CA ASN A 584 -9.57 19.77 38.18
C ASN A 584 -8.64 20.72 37.42
N LYS A 585 -7.56 20.17 36.88
CA LYS A 585 -6.60 20.90 36.05
C LYS A 585 -7.04 20.81 34.58
N PHE A 586 -6.91 21.92 33.84
CA PHE A 586 -7.28 21.91 32.42
C PHE A 586 -6.26 21.16 31.58
N VAL A 587 -6.78 20.31 30.70
CA VAL A 587 -5.98 19.64 29.66
C VAL A 587 -6.68 19.78 28.33
N VAL A 588 -5.90 19.85 27.25
CA VAL A 588 -6.47 19.89 25.91
C VAL A 588 -7.19 18.57 25.64
N PRO A 589 -8.51 18.63 25.33
CA PRO A 589 -9.27 17.39 25.10
C PRO A 589 -8.76 16.66 23.85
N ARG A 590 -8.75 15.33 23.91
CA ARG A 590 -8.31 14.50 22.78
C ARG A 590 -9.26 13.37 22.49
N THR A 591 -9.34 13.01 21.21
CA THR A 591 -9.92 11.75 20.77
C THR A 591 -8.79 11.01 20.12
N VAL A 592 -8.35 9.95 20.80
CA VAL A 592 -7.29 9.10 20.32
C VAL A 592 -7.92 7.93 19.57
N MET A 593 -7.65 7.86 18.28
CA MET A 593 -8.15 6.80 17.45
C MET A 593 -7.00 5.95 16.92
N ILE A 594 -7.12 4.65 17.10
CA ILE A 594 -6.15 3.71 16.60
C ILE A 594 -6.94 2.69 15.79
N GLY A 595 -6.44 2.38 14.60
CA GLY A 595 -7.06 1.37 13.73
C GLY A 595 -6.03 0.63 12.91
N GLY A 596 -6.37 -0.58 12.47
CA GLY A 596 -5.47 -1.42 11.68
C GLY A 596 -5.77 -2.89 11.90
N LYS A 597 -5.48 -3.70 10.87
CA LYS A 597 -5.67 -5.13 10.94
C LYS A 597 -4.39 -5.83 11.40
N ALA A 598 -4.57 -6.94 12.12
CA ALA A 598 -3.47 -7.82 12.51
C ALA A 598 -3.48 -9.07 11.64
N ALA A 599 -2.30 -9.54 11.24
CA ALA A 599 -2.19 -10.76 10.47
C ALA A 599 -2.70 -11.89 11.35
N PRO A 600 -3.53 -12.81 10.80
CA PRO A 600 -4.18 -13.84 11.60
C PRO A 600 -3.27 -14.68 12.49
N GLY A 601 -2.02 -14.94 12.09
CA GLY A 601 -1.12 -15.75 12.92
C GLY A 601 -0.25 -15.02 13.96
N TYR A 602 -0.43 -13.71 14.07
CA TYR A 602 0.48 -12.84 14.82
C TYR A 602 -0.12 -12.56 16.21
N HIS A 603 0.18 -13.44 17.17
CA HIS A 603 -0.37 -13.36 18.52
C HIS A 603 -0.17 -12.01 19.21
N MET A 604 1.04 -11.45 19.17
CA MET A 604 1.31 -10.18 19.85
C MET A 604 0.48 -9.03 19.26
N ALA A 605 0.33 -9.01 17.95
CA ALA A 605 -0.49 -7.98 17.31
C ALA A 605 -1.97 -8.11 17.72
N LYS A 606 -2.47 -9.34 17.88
CA LYS A 606 -3.83 -9.54 18.36
C LYS A 606 -4.01 -9.10 19.81
N MET A 607 -2.96 -9.26 20.61
CA MET A 607 -2.97 -8.83 22.01
C MET A 607 -2.96 -7.29 22.13
N ILE A 608 -2.23 -6.63 21.24
CA ILE A 608 -2.22 -5.16 21.19
C ILE A 608 -3.61 -4.59 20.87
N ILE A 609 -4.33 -5.21 19.93
CA ILE A 609 -5.70 -4.79 19.64
C ILE A 609 -6.59 -4.88 20.88
N LYS A 610 -6.49 -6.00 21.59
CA LYS A 610 -7.26 -6.21 22.81
C LYS A 610 -6.90 -5.19 23.92
N LEU A 611 -5.61 -4.91 24.10
CA LEU A 611 -5.18 -3.83 25.03
C LEU A 611 -5.84 -2.47 24.69
N ILE A 612 -5.84 -2.10 23.41
CA ILE A 612 -6.44 -0.82 22.98
C ILE A 612 -7.90 -0.71 23.38
N THR A 613 -8.68 -1.75 23.07
CA THR A 613 -10.09 -1.76 23.42
C THR A 613 -10.28 -1.79 24.95
N ALA A 614 -9.40 -2.51 25.65
CA ALA A 614 -9.40 -2.60 27.12
C ALA A 614 -9.17 -1.24 27.81
N ILE A 615 -8.21 -0.47 27.29
CA ILE A 615 -7.97 0.91 27.73
C ILE A 615 -9.22 1.77 27.47
N GLY A 616 -9.79 1.63 26.28
CA GLY A 616 -11.05 2.30 25.93
C GLY A 616 -12.15 2.04 26.95
N ASP A 617 -12.33 0.77 27.31
CA ASP A 617 -13.36 0.36 28.27
C ASP A 617 -13.28 1.15 29.58
N VAL A 618 -12.08 1.27 30.13
CA VAL A 618 -11.81 2.02 31.35
C VAL A 618 -11.95 3.53 31.12
N VAL A 619 -11.19 4.06 30.16
CA VAL A 619 -11.13 5.50 29.92
C VAL A 619 -12.47 6.09 29.52
N ASN A 620 -13.19 5.42 28.62
CA ASN A 620 -14.40 5.99 28.04
C ASN A 620 -15.60 6.04 28.99
N HIS A 621 -15.49 5.36 30.14
CA HIS A 621 -16.61 5.27 31.07
C HIS A 621 -16.25 5.82 32.44
N ASP A 622 -15.15 6.56 32.51
CA ASP A 622 -14.74 7.17 33.76
C ASP A 622 -15.32 8.58 33.84
N PRO A 623 -16.25 8.81 34.81
CA PRO A 623 -16.99 10.07 34.93
C PRO A 623 -16.07 11.25 35.21
N VAL A 624 -14.96 11.00 35.89
CA VAL A 624 -13.99 12.03 36.20
C VAL A 624 -13.31 12.59 34.95
N VAL A 625 -13.10 11.72 33.96
CA VAL A 625 -12.50 12.09 32.67
C VAL A 625 -13.43 12.97 31.85
N GLY A 626 -14.71 12.59 31.76
CA GLY A 626 -15.69 13.34 30.98
C GLY A 626 -15.38 13.16 29.51
N ASP A 627 -15.54 14.22 28.72
CA ASP A 627 -15.18 14.14 27.31
C ASP A 627 -13.82 14.76 27.03
N ARG A 628 -12.99 14.82 28.07
CA ARG A 628 -11.62 15.30 27.92
C ARG A 628 -10.67 14.27 27.26
N LEU A 629 -11.01 12.99 27.36
CA LEU A 629 -10.23 11.93 26.74
C LEU A 629 -11.12 10.77 26.29
N ARG A 630 -10.95 10.38 25.03
CA ARG A 630 -11.64 9.24 24.44
C ARG A 630 -10.65 8.38 23.64
N VAL A 631 -10.79 7.07 23.77
CA VAL A 631 -9.97 6.11 23.04
C VAL A 631 -10.86 5.21 22.22
N ILE A 632 -10.71 5.28 20.90
CA ILE A 632 -11.58 4.56 19.97
C ILE A 632 -10.74 3.65 19.09
N PHE A 633 -11.16 2.41 18.95
CA PHE A 633 -10.52 1.51 17.97
C PHE A 633 -11.32 1.52 16.69
N LEU A 634 -10.70 1.99 15.60
CA LEU A 634 -11.35 2.08 14.31
C LEU A 634 -11.37 0.72 13.62
N GLU A 635 -12.53 0.07 13.67
CA GLU A 635 -12.72 -1.27 13.14
C GLU A 635 -12.59 -1.30 11.61
N ASN A 636 -12.01 -2.38 11.07
CA ASN A 636 -11.97 -2.64 9.63
C ASN A 636 -11.28 -1.57 8.76
N TYR A 637 -10.14 -1.07 9.22
CA TYR A 637 -9.38 -0.08 8.48
C TYR A 637 -8.99 -0.62 7.10
N ARG A 638 -9.24 0.19 6.08
CA ARG A 638 -9.11 -0.19 4.68
C ARG A 638 -9.13 1.13 3.88
N VAL A 639 -8.94 1.06 2.55
CA VAL A 639 -8.84 2.28 1.72
C VAL A 639 -10.06 3.22 1.88
N SER A 640 -11.29 2.69 1.83
CA SER A 640 -12.49 3.54 1.96
CA SER A 640 -12.48 3.55 1.97
C SER A 640 -12.55 4.25 3.31
N LEU A 641 -12.13 3.57 4.39
CA LEU A 641 -12.14 4.23 5.69
C LEU A 641 -11.03 5.30 5.82
N ALA A 642 -9.87 5.06 5.19
CA ALA A 642 -8.77 6.02 5.21
C ALA A 642 -9.21 7.33 4.53
N GLU A 643 -9.98 7.22 3.45
CA GLU A 643 -10.53 8.37 2.74
C GLU A 643 -11.45 9.22 3.63
N LYS A 644 -12.02 8.62 4.67
CA LYS A 644 -12.88 9.32 5.62
C LYS A 644 -12.10 9.89 6.82
N VAL A 645 -11.28 9.06 7.46
CA VAL A 645 -10.56 9.47 8.67
C VAL A 645 -9.38 10.43 8.42
N ILE A 646 -8.66 10.27 7.31
CA ILE A 646 -7.48 11.09 7.09
C ILE A 646 -7.82 12.60 6.96
N PRO A 647 -8.85 12.97 6.15
CA PRO A 647 -9.26 14.40 6.13
C PRO A 647 -9.68 14.97 7.50
N ALA A 648 -10.15 14.12 8.41
CA ALA A 648 -10.59 14.55 9.74
C ALA A 648 -9.46 14.66 10.79
N ALA A 649 -8.25 14.22 10.47
CA ALA A 649 -7.18 14.16 11.48
C ALA A 649 -6.49 15.49 11.76
N ASP A 650 -6.19 15.75 13.04
CA ASP A 650 -5.33 16.87 13.44
C ASP A 650 -3.88 16.44 13.61
N LEU A 651 -3.69 15.27 14.20
CA LEU A 651 -2.36 14.76 14.53
C LEU A 651 -2.19 13.35 13.97
N SER A 652 -1.10 13.17 13.23
CA SER A 652 -0.70 11.93 12.56
C SER A 652 0.43 11.24 13.32
N GLU A 653 0.19 10.00 13.77
CA GLU A 653 1.18 9.30 14.58
C GLU A 653 2.04 8.44 13.67
N GLN A 654 3.32 8.82 13.57
CA GLN A 654 4.27 8.10 12.71
C GLN A 654 5.52 7.75 13.53
N ILE A 655 5.39 6.72 14.37
CA ILE A 655 6.26 6.58 15.56
C ILE A 655 7.02 5.24 15.60
N SER A 656 7.34 4.70 14.42
CA SER A 656 8.16 3.50 14.30
C SER A 656 9.56 3.77 14.87
N THR A 657 10.20 2.73 15.40
CA THR A 657 11.59 2.80 15.84
C THR A 657 12.48 3.21 14.65
N ALA A 658 13.37 4.17 14.88
CA ALA A 658 14.27 4.62 13.81
C ALA A 658 14.94 3.41 13.14
N GLY A 659 14.84 3.35 11.81
CA GLY A 659 15.51 2.30 11.03
C GLY A 659 14.62 1.14 10.61
N THR A 660 13.32 1.22 10.92
CA THR A 660 12.42 0.07 10.71
C THR A 660 11.34 0.25 9.66
N GLU A 661 10.75 1.43 9.54
CA GLU A 661 9.74 1.69 8.51
C GLU A 661 10.47 2.13 7.24
N ALA A 662 10.44 1.33 6.17
CA ALA A 662 11.24 1.66 4.99
C ALA A 662 10.91 3.07 4.44
N SER A 663 9.62 3.36 4.29
CA SER A 663 9.20 4.70 3.87
C SER A 663 8.02 5.18 4.68
N GLY A 664 6.92 4.43 4.64
CA GLY A 664 5.61 4.92 5.06
C GLY A 664 5.00 5.69 3.90
N THR A 665 3.67 5.65 3.79
CA THR A 665 2.94 6.47 2.79
C THR A 665 1.69 7.09 3.43
N GLY A 666 1.19 6.45 4.48
CA GLY A 666 0.11 7.03 5.25
C GLY A 666 0.54 8.42 5.74
N ASN A 667 1.83 8.55 6.09
CA ASN A 667 2.39 9.81 6.61
C ASN A 667 2.17 10.99 5.63
N MET A 668 2.39 10.69 4.36
CA MET A 668 2.20 11.63 3.27
C MET A 668 0.75 12.02 3.09
N1 LLP A 669 -3.37 0.72 4.66
C2 LLP A 669 -4.24 1.52 3.99
C2' LLP A 669 -5.69 1.13 3.89
C3 LLP A 669 -3.75 2.76 3.35
O3 LLP A 669 -4.59 3.58 2.64
C4 LLP A 669 -2.31 3.07 3.49
C4' LLP A 669 -1.67 4.30 2.88
C5 LLP A 669 -1.46 2.12 4.23
C6 LLP A 669 -2.05 1.00 4.80
C5' LLP A 669 0.02 2.42 4.42
OP4 LLP A 669 0.07 3.19 5.63
P LLP A 669 1.42 3.26 6.53
OP1 LLP A 669 1.01 4.12 7.69
OP2 LLP A 669 1.74 1.84 6.96
OP3 LLP A 669 2.46 3.84 5.60
N LLP A 669 -0.17 11.05 3.20
CA LLP A 669 -1.61 11.32 3.10
CB LLP A 669 -2.42 10.03 3.24
CG LLP A 669 -2.08 8.95 2.20
CD LLP A 669 -2.75 7.62 2.55
CE LLP A 669 -2.14 6.46 1.79
NZ LLP A 669 -2.66 5.19 2.31
C LLP A 669 -2.07 12.33 4.14
O LLP A 669 -2.86 13.26 3.85
N PHE A 670 -1.61 12.16 5.38
CA PHE A 670 -1.93 13.08 6.48
C PHE A 670 -1.38 14.49 6.25
N MET A 671 -0.13 14.58 5.79
CA MET A 671 0.52 15.89 5.53
C MET A 671 -0.27 16.71 4.48
N LEU A 672 -0.70 16.01 3.43
CA LEU A 672 -1.46 16.61 2.34
C LEU A 672 -2.84 17.10 2.77
N ASN A 673 -3.40 16.47 3.80
CA ASN A 673 -4.76 16.75 4.28
C ASN A 673 -4.91 17.60 5.56
N GLY A 674 -3.83 18.24 5.98
CA GLY A 674 -3.93 19.24 7.05
C GLY A 674 -3.79 18.75 8.48
N ALA A 675 -3.13 17.60 8.67
CA ALA A 675 -2.73 17.17 10.01
C ALA A 675 -1.26 17.54 10.20
N LEU A 676 -0.88 17.80 11.45
CA LEU A 676 0.52 17.93 11.84
C LEU A 676 1.05 16.54 12.19
N THR A 677 2.37 16.34 12.12
CA THR A 677 2.96 14.99 12.33
C THR A 677 3.82 14.94 13.58
N ILE A 678 3.55 13.95 14.44
CA ILE A 678 4.49 13.58 15.49
C ILE A 678 5.15 12.27 15.07
N GLY A 679 6.47 12.30 14.95
CA GLY A 679 7.17 11.11 14.51
C GLY A 679 8.65 11.07 14.79
N THR A 680 9.20 9.89 14.55
CA THR A 680 10.62 9.65 14.63
C THR A 680 11.26 10.00 13.30
N MET A 681 12.57 10.22 13.32
CA MET A 681 13.34 10.34 12.11
C MET A 681 13.53 8.95 11.45
N ASP A 682 12.47 8.48 10.79
CA ASP A 682 12.45 7.14 10.17
C ASP A 682 11.77 7.23 8.81
N GLY A 683 12.17 6.37 7.88
CA GLY A 683 11.53 6.33 6.55
C GLY A 683 11.44 7.70 5.89
N ALA A 684 10.29 7.98 5.29
CA ALA A 684 10.08 9.24 4.59
C ALA A 684 9.82 10.42 5.53
N ASN A 685 9.57 10.16 6.81
CA ASN A 685 9.45 11.23 7.83
C ASN A 685 10.61 12.23 7.71
N VAL A 686 11.82 11.70 7.48
CA VAL A 686 13.03 12.53 7.38
C VAL A 686 12.93 13.56 6.25
N GLU A 687 12.43 13.10 5.09
CA GLU A 687 12.32 13.95 3.91
C GLU A 687 11.15 14.92 4.09
N MET A 688 10.08 14.46 4.74
CA MET A 688 8.94 15.33 5.04
C MET A 688 9.38 16.49 5.95
N ALA A 689 10.17 16.20 6.98
CA ALA A 689 10.63 17.22 7.92
C ALA A 689 11.60 18.18 7.24
N GLU A 690 12.41 17.64 6.35
CA GLU A 690 13.33 18.40 5.54
C GLU A 690 12.61 19.33 4.55
N GLU A 691 11.52 18.85 3.95
CA GLU A 691 10.69 19.70 3.07
C GLU A 691 9.99 20.83 3.82
N ALA A 692 9.33 20.52 4.93
CA ALA A 692 8.56 21.50 5.69
C ALA A 692 9.38 22.40 6.62
N GLY A 693 10.60 21.96 6.97
CA GLY A 693 11.37 22.60 8.03
C GLY A 693 11.07 21.89 9.34
N GLU A 694 12.13 21.54 10.06
CA GLU A 694 12.01 20.85 11.36
C GLU A 694 11.19 21.59 12.40
N GLU A 695 11.18 22.93 12.33
CA GLU A 695 10.34 23.73 13.25
C GLU A 695 8.85 23.48 13.05
N ASN A 696 8.46 22.92 11.89
CA ASN A 696 7.04 22.69 11.56
C ASN A 696 6.62 21.23 11.68
N PHE A 697 7.45 20.47 12.36
CA PHE A 697 7.29 19.04 12.55
C PHE A 697 7.56 18.67 14.04
N PHE A 698 6.84 17.69 14.59
CA PHE A 698 7.06 17.27 15.97
C PHE A 698 7.94 16.00 15.99
N ILE A 699 9.25 16.22 15.92
CA ILE A 699 10.25 15.16 15.88
C ILE A 699 10.66 14.80 17.29
N PHE A 700 10.79 13.51 17.56
CA PHE A 700 11.26 13.06 18.88
C PHE A 700 12.05 11.76 18.70
N GLY A 701 12.76 11.39 19.76
CA GLY A 701 13.26 10.04 19.91
C GLY A 701 14.62 9.78 19.30
N MET A 702 15.08 8.56 19.50
CA MET A 702 16.36 8.09 18.96
C MET A 702 16.38 8.22 17.44
N ARG A 703 17.54 8.62 16.91
CA ARG A 703 17.85 8.42 15.49
C ARG A 703 18.46 7.05 15.32
N VAL A 704 18.63 6.64 14.07
CA VAL A 704 19.23 5.34 13.75
C VAL A 704 20.58 5.12 14.47
N GLU A 705 21.41 6.17 14.54
CA GLU A 705 22.71 6.13 15.24
C GLU A 705 22.56 5.83 16.73
N ASP A 706 21.53 6.41 17.36
CA ASP A 706 21.27 6.18 18.77
C ASP A 706 20.84 4.74 19.00
N VAL A 707 20.04 4.20 18.07
CA VAL A 707 19.60 2.81 18.16
C VAL A 707 20.80 1.85 18.09
N ASP A 708 21.74 2.12 17.17
CA ASP A 708 22.96 1.33 16.99
C ASP A 708 23.79 1.30 18.27
N ARG A 709 24.03 2.46 18.85
CA ARG A 709 24.74 2.58 20.13
C ARG A 709 24.06 1.79 21.25
N LEU A 710 22.73 1.86 21.32
CA LEU A 710 22.00 1.05 22.29
C LEU A 710 22.21 -0.46 22.09
N ASP A 711 22.18 -0.89 20.83
CA ASP A 711 22.41 -2.30 20.51
C ASP A 711 23.84 -2.76 20.86
N GLN A 712 24.82 -1.88 20.67
CA GLN A 712 26.21 -2.21 21.01
C GLN A 712 26.37 -2.47 22.50
N ARG A 713 25.69 -1.66 23.30
CA ARG A 713 25.78 -1.74 24.75
C ARG A 713 24.88 -2.83 25.29
N GLY A 714 23.76 -3.06 24.62
CA GLY A 714 22.72 -3.97 25.09
C GLY A 714 21.56 -3.19 25.69
N TYR A 715 20.37 -3.39 25.13
CA TYR A 715 19.17 -2.73 25.62
C TYR A 715 18.68 -3.41 26.89
N ASN A 716 18.60 -2.65 27.98
CA ASN A 716 18.03 -3.14 29.23
C ASN A 716 16.78 -2.32 29.62
N ALA A 717 15.62 -2.94 29.45
CA ALA A 717 14.36 -2.22 29.67
C ALA A 717 14.17 -1.85 31.15
N GLN A 718 14.77 -2.67 32.02
CA GLN A 718 14.68 -2.45 33.48
C GLN A 718 15.17 -1.06 33.92
N GLU A 719 16.26 -0.60 33.31
CA GLU A 719 16.81 0.73 33.57
C GLU A 719 15.75 1.84 33.47
N TYR A 720 14.95 1.81 32.41
CA TYR A 720 13.86 2.78 32.22
C TYR A 720 12.76 2.64 33.26
N TYR A 721 12.30 1.42 33.46
CA TYR A 721 11.32 1.10 34.50
C TYR A 721 11.78 1.62 35.89
N ASP A 722 13.05 1.41 36.21
CA ASP A 722 13.62 1.89 37.47
C ASP A 722 13.66 3.42 37.63
N ARG A 723 13.89 4.13 36.53
CA ARG A 723 14.18 5.58 36.61
C ARG A 723 13.01 6.46 36.24
N ILE A 724 11.92 5.87 35.75
CA ILE A 724 10.76 6.66 35.32
C ILE A 724 9.52 6.22 36.11
N PRO A 725 9.17 6.98 37.16
CA PRO A 725 8.06 6.62 38.04
C PRO A 725 6.71 6.45 37.31
N GLU A 726 6.42 7.32 36.35
CA GLU A 726 5.16 7.25 35.63
C GLU A 726 5.06 6.00 34.76
N LEU A 727 6.20 5.59 34.20
CA LEU A 727 6.30 4.35 33.43
C LEU A 727 6.12 3.12 34.32
N ARG A 728 6.73 3.15 35.50
CA ARG A 728 6.58 2.06 36.47
C ARG A 728 5.12 1.88 36.89
N GLN A 729 4.39 2.99 37.06
CA GLN A 729 2.97 2.94 37.40
C GLN A 729 2.13 2.24 36.32
N ILE A 730 2.36 2.58 35.05
CA ILE A 730 1.65 1.95 33.93
C ILE A 730 1.89 0.43 33.92
N ILE A 731 3.13 0.02 34.13
CA ILE A 731 3.50 -1.40 34.11
C ILE A 731 2.85 -2.18 35.25
N GLU A 732 2.73 -1.54 36.41
CA GLU A 732 2.04 -2.18 37.54
C GLU A 732 0.54 -2.32 37.29
N GLN A 733 -0.06 -1.29 36.69
CA GLN A 733 -1.46 -1.33 36.31
C GLN A 733 -1.74 -2.49 35.36
N LEU A 734 -0.89 -2.63 34.34
CA LEU A 734 -1.01 -3.72 33.37
C LEU A 734 -0.84 -5.09 34.03
N SER A 735 0.23 -5.27 34.81
CA SER A 735 0.52 -6.54 35.49
C SER A 735 -0.54 -6.97 36.48
N SER A 736 -1.08 -6.02 37.23
CA SER A 736 -1.99 -6.29 38.35
C SER A 736 -3.45 -6.48 37.94
N GLY A 737 -3.78 -6.14 36.70
CA GLY A 737 -5.13 -6.37 36.20
C GLY A 737 -6.05 -5.18 36.23
N PHE A 738 -5.49 -3.97 36.25
CA PHE A 738 -6.28 -2.73 36.29
C PHE A 738 -7.15 -2.56 35.03
N PHE A 739 -6.63 -3.03 33.91
CA PHE A 739 -7.34 -2.97 32.63
C PHE A 739 -8.04 -4.27 32.25
N SER A 740 -7.89 -5.29 33.09
CA SER A 740 -8.61 -6.54 32.89
C SER A 740 -9.02 -7.14 34.24
N PRO A 741 -10.08 -6.56 34.85
CA PRO A 741 -10.43 -6.92 36.24
C PRO A 741 -10.79 -8.39 36.42
N LYS A 742 -11.44 -8.99 35.42
CA LYS A 742 -11.86 -10.39 35.54
C LYS A 742 -10.80 -11.41 35.13
N GLN A 743 -9.81 -10.96 34.36
CA GLN A 743 -8.64 -11.78 34.04
C GLN A 743 -7.37 -10.99 34.35
N PRO A 744 -6.95 -10.95 35.63
CA PRO A 744 -5.81 -10.11 36.03
C PRO A 744 -4.50 -10.31 35.24
N ASP A 745 -4.24 -11.52 34.74
CA ASP A 745 -2.99 -11.76 34.01
C ASP A 745 -3.15 -11.75 32.48
N LEU A 746 -4.26 -11.19 31.98
CA LEU A 746 -4.49 -11.14 30.53
C LEU A 746 -3.30 -10.58 29.73
N PHE A 747 -2.62 -9.57 30.29
CA PHE A 747 -1.61 -8.83 29.55
C PHE A 747 -0.17 -9.18 29.92
N LYS A 748 0.02 -10.33 30.57
CA LYS A 748 1.36 -10.75 31.02
C LYS A 748 2.35 -10.93 29.86
N ASP A 749 1.87 -11.42 28.73
CA ASP A 749 2.71 -11.53 27.53
C ASP A 749 3.23 -10.16 27.10
N ILE A 750 2.38 -9.14 27.18
CA ILE A 750 2.77 -7.78 26.77
C ILE A 750 3.85 -7.22 27.72
N VAL A 751 3.58 -7.29 29.02
CA VAL A 751 4.55 -6.85 30.04
C VAL A 751 5.87 -7.61 29.90
N ASN A 752 5.77 -8.92 29.73
CA ASN A 752 6.95 -9.75 29.61
C ASN A 752 7.82 -9.34 28.42
N MET A 753 7.17 -9.11 27.28
CA MET A 753 7.88 -8.70 26.08
C MET A 753 8.55 -7.33 26.29
N LEU A 754 7.80 -6.39 26.86
CA LEU A 754 8.31 -5.03 27.09
C LEU A 754 9.56 -5.02 27.97
N MET A 755 9.52 -5.85 29.02
CA MET A 755 10.56 -5.92 30.03
C MET A 755 11.78 -6.72 29.61
N HIS A 756 11.58 -7.77 28.80
CA HIS A 756 12.64 -8.74 28.56
C HIS A 756 13.02 -8.96 27.11
N HIS A 757 12.10 -8.82 26.17
CA HIS A 757 12.47 -9.06 24.77
C HIS A 757 11.85 -8.11 23.74
N ASP A 758 12.05 -6.81 23.99
CA ASP A 758 11.56 -5.77 23.11
C ASP A 758 12.61 -5.41 22.07
N ARG A 759 12.47 -5.95 20.86
CA ARG A 759 13.37 -5.62 19.75
C ARG A 759 13.22 -4.16 19.31
N PHE A 760 12.11 -3.53 19.70
CA PHE A 760 11.80 -2.19 19.20
C PHE A 760 11.89 -1.04 20.21
N LYS A 761 12.50 -1.35 21.37
CA LYS A 761 12.93 -0.33 22.36
C LYS A 761 11.85 0.72 22.69
N VAL A 762 10.65 0.25 22.97
CA VAL A 762 9.50 1.08 23.35
C VAL A 762 9.79 2.01 24.53
N PHE A 763 10.45 1.49 25.59
CA PHE A 763 10.75 2.31 26.79
C PHE A 763 11.75 3.42 26.53
N ALA A 764 12.68 3.18 25.61
CA ALA A 764 13.78 4.10 25.34
C ALA A 764 13.33 5.41 24.71
N ASP A 765 12.20 5.37 24.01
CA ASP A 765 11.65 6.59 23.41
C ASP A 765 10.51 7.23 24.25
N TYR A 766 10.16 6.58 25.35
CA TYR A 766 8.95 6.97 26.08
C TYR A 766 8.95 8.42 26.61
N GLU A 767 10.03 8.81 27.30
CA GLU A 767 10.12 10.15 27.88
C GLU A 767 10.06 11.28 26.86
N GLU A 768 10.85 11.14 25.80
CA GLU A 768 10.85 12.12 24.73
C GLU A 768 9.49 12.23 24.05
N TYR A 769 8.81 11.09 23.86
CA TYR A 769 7.49 11.04 23.24
C TYR A 769 6.45 11.79 24.07
N VAL A 770 6.40 11.51 25.36
CA VAL A 770 5.52 12.23 26.28
C VAL A 770 5.80 13.75 26.31
N LYS A 771 7.07 14.15 26.38
CA LYS A 771 7.41 15.58 26.35
C LYS A 771 6.95 16.24 25.05
N CYS A 772 7.16 15.54 23.94
CA CYS A 772 6.83 16.05 22.62
C CYS A 772 5.31 16.25 22.47
N GLN A 773 4.56 15.28 22.98
CA GLN A 773 3.09 15.32 23.02
C GLN A 773 2.54 16.51 23.83
N GLU A 774 3.28 16.92 24.88
CA GLU A 774 2.95 18.15 25.65
C GLU A 774 3.09 19.40 24.76
N ARG A 775 4.11 19.41 23.91
CA ARG A 775 4.30 20.50 22.96
C ARG A 775 3.19 20.58 21.87
N VAL A 776 2.69 19.42 21.47
CA VAL A 776 1.51 19.32 20.59
C VAL A 776 0.30 19.99 21.22
N SER A 777 -0.03 19.59 22.46
CA SER A 777 -1.15 20.15 23.22
C SER A 777 -1.02 21.66 23.44
N ALA A 778 0.19 22.14 23.74
CA ALA A 778 0.46 23.58 23.84
C ALA A 778 0.10 24.33 22.55
N LEU A 779 0.58 23.83 21.41
CA LEU A 779 0.29 24.47 20.12
C LEU A 779 -1.19 24.47 19.75
N TYR A 780 -1.89 23.39 20.10
CA TYR A 780 -3.30 23.24 19.71
C TYR A 780 -4.18 24.25 20.44
N LYS A 781 -3.73 24.69 21.62
CA LYS A 781 -4.37 25.77 22.37
C LYS A 781 -4.40 27.11 21.63
N ASN A 782 -3.48 27.29 20.69
CA ASN A 782 -3.36 28.50 19.87
C ASN A 782 -3.76 28.22 18.41
N PRO A 783 -5.09 28.23 18.13
CA PRO A 783 -5.64 27.79 16.85
C PRO A 783 -5.03 28.49 15.66
N ARG A 784 -4.80 29.79 15.81
CA ARG A 784 -4.18 30.56 14.73
C ARG A 784 -2.77 30.04 14.39
N GLU A 785 -1.96 29.76 15.42
CA GLU A 785 -0.59 29.27 15.15
C GLU A 785 -0.56 27.79 14.72
N TRP A 786 -1.49 27.01 15.23
CA TRP A 786 -1.66 25.63 14.77
C TRP A 786 -1.92 25.65 13.25
N THR A 787 -2.89 26.45 12.82
CA THR A 787 -3.29 26.49 11.41
C THR A 787 -2.18 27.03 10.49
N ARG A 788 -1.40 27.99 10.99
CA ARG A 788 -0.26 28.49 10.22
C ARG A 788 0.80 27.40 10.02
N MET A 789 1.04 26.59 11.03
CA MET A 789 1.95 25.45 10.85
C MET A 789 1.36 24.43 9.86
N VAL A 790 0.06 24.20 9.94
CA VAL A 790 -0.59 23.32 8.96
C VAL A 790 -0.36 23.82 7.54
N ILE A 791 -0.59 25.13 7.31
CA ILE A 791 -0.37 25.68 5.96
C ILE A 791 1.05 25.42 5.49
N ARG A 792 2.03 25.57 6.38
CA ARG A 792 3.43 25.34 5.95
C ARG A 792 3.69 23.85 5.59
N ASN A 793 2.95 22.93 6.21
CA ASN A 793 3.02 21.48 5.84
C ASN A 793 2.38 21.22 4.45
N ILE A 794 1.11 21.59 4.28
CA ILE A 794 0.41 21.39 2.99
C ILE A 794 1.21 21.97 1.84
N ALA A 795 1.76 23.16 2.08
CA ALA A 795 2.50 23.89 1.04
C ALA A 795 3.80 23.22 0.63
N THR A 796 4.35 22.37 1.49
CA THR A 796 5.63 21.69 1.16
C THR A 796 5.48 20.16 0.91
N SER A 797 4.25 19.72 0.71
CA SER A 797 3.94 18.30 0.47
C SER A 797 4.11 17.83 -0.99
N GLY A 798 4.36 18.78 -1.90
CA GLY A 798 4.53 18.52 -3.34
C GLY A 798 5.50 17.38 -3.73
N LYS A 799 6.63 17.31 -3.04
CA LYS A 799 7.60 16.23 -3.29
C LYS A 799 6.97 14.83 -3.26
N PHE A 800 5.96 14.65 -2.44
CA PHE A 800 5.41 13.32 -2.14
C PHE A 800 4.24 12.89 -3.02
N SER A 801 4.09 13.59 -4.14
CA SER A 801 3.18 13.15 -5.19
C SER A 801 3.80 11.95 -5.89
N SER A 802 3.01 10.90 -6.09
CA SER A 802 3.50 9.76 -6.87
C SER A 802 3.79 10.11 -8.34
N ASP A 803 3.31 11.27 -8.83
CA ASP A 803 3.74 11.72 -10.16
C ASP A 803 5.24 12.01 -10.19
N ARG A 804 5.78 12.57 -9.10
CA ARG A 804 7.24 12.80 -9.00
C ARG A 804 8.01 11.47 -8.96
N THR A 805 7.53 10.54 -8.13
CA THR A 805 8.13 9.22 -8.01
C THR A 805 8.20 8.52 -9.39
N ILE A 806 7.08 8.44 -10.08
CA ILE A 806 6.99 7.76 -11.38
C ILE A 806 7.86 8.45 -12.47
N ALA A 807 7.90 9.78 -12.47
CA ALA A 807 8.79 10.48 -13.41
C ALA A 807 10.27 10.07 -13.17
N GLN A 808 10.66 9.87 -11.90
CA GLN A 808 12.03 9.43 -11.59
C GLN A 808 12.29 7.97 -12.01
N TYR A 809 11.34 7.07 -11.73
CA TYR A 809 11.40 5.70 -12.27
C TYR A 809 11.53 5.68 -13.79
N ALA A 810 10.72 6.50 -14.47
CA ALA A 810 10.70 6.51 -15.93
C ALA A 810 12.03 6.98 -16.53
N ARG A 811 12.55 8.09 -16.00
CA ARG A 811 13.83 8.65 -16.47
C ARG A 811 15.07 7.87 -16.03
N GLU A 812 15.13 7.45 -14.76
CA GLU A 812 16.34 6.84 -14.20
C GLU A 812 16.38 5.31 -14.23
N ILE A 813 15.25 4.66 -14.45
CA ILE A 813 15.22 3.18 -14.51
C ILE A 813 14.69 2.67 -15.84
N TRP A 814 13.51 3.16 -16.26
CA TRP A 814 12.85 2.59 -17.46
C TRP A 814 13.29 3.17 -18.80
N GLY A 815 13.93 4.32 -18.78
CA GLY A 815 14.45 4.93 -20.01
C GLY A 815 13.34 5.42 -20.91
N VAL A 816 12.33 6.04 -20.31
CA VAL A 816 11.19 6.57 -21.05
C VAL A 816 10.85 7.97 -20.53
N GLU A 817 10.34 8.82 -21.43
CA GLU A 817 9.97 10.18 -21.07
C GLU A 817 8.45 10.30 -20.83
N PRO A 818 8.06 10.77 -19.62
CA PRO A 818 6.64 11.04 -19.34
C PRO A 818 6.11 12.17 -20.25
N SER A 819 4.80 12.27 -20.36
CA SER A 819 4.17 13.34 -21.13
C SER A 819 2.86 13.77 -20.47
N ARG A 820 2.62 15.08 -20.43
CA ARG A 820 1.37 15.62 -19.89
C ARG A 820 0.28 15.87 -20.96
N GLN A 821 0.62 15.61 -22.23
CA GLN A 821 -0.29 15.86 -23.36
C GLN A 821 -1.55 14.96 -23.41
N ARG A 822 -2.67 15.58 -23.79
CA ARG A 822 -3.97 14.93 -23.99
C ARG A 822 -3.97 14.05 -25.22
N LEU A 823 -4.68 12.91 -25.15
CA LEU A 823 -5.09 12.17 -26.34
C LEU A 823 -6.41 12.75 -26.83
N PRO A 824 -6.67 12.71 -28.15
CA PRO A 824 -7.92 13.24 -28.70
C PRO A 824 -9.16 12.56 -28.11
N ALA A 825 -10.19 13.36 -27.83
CA ALA A 825 -11.45 12.85 -27.32
C ALA A 825 -12.51 12.87 -28.43
C17 26M B . 2.91 -12.33 2.18
C16 26M B . 3.02 -13.72 2.02
C15 26M B . 4.23 -14.29 1.63
C14 26M B . 5.34 -13.47 1.38
C13 26M B . 5.23 -12.08 1.55
C12 26M B . 4.00 -11.50 1.94
C9 26M B . 3.90 -10.10 2.12
C8 26M B . 4.95 -9.40 2.72
C7 26M B . 4.86 -8.01 2.92
C10 26M B . 2.76 -9.41 1.71
C11 26M B . 2.66 -8.02 1.89
C6 26M B . 3.72 -7.31 2.49
O5 26M B . 3.59 -5.94 2.67
C4 26M B . 4.79 -5.24 2.96
C2 26M B . 4.51 -3.71 2.94
O3 26M B . 3.37 -3.28 2.81
N1 26M B . 5.60 -2.95 3.11
C1' 26M B . 5.53 -1.48 3.13
O5' 26M B . 5.76 -0.99 1.78
C5' 26M B . 5.45 0.41 1.72
C6' 26M B . 5.55 0.84 0.25
O6' 26M B . 6.92 0.86 -0.13
C4' 26M B . 6.40 1.25 2.65
O4' 26M B . 5.96 2.63 2.69
C3' 26M B . 6.40 0.66 4.11
O3' 26M B . 7.46 1.22 4.85
C2' 26M B . 6.58 -0.88 4.08
O2' 26M B . 6.45 -1.44 5.40
#